data_7ZT3
#
_entry.id   7ZT3
#
_cell.length_a   70.240
_cell.length_b   111.380
_cell.length_c   143.500
_cell.angle_alpha   90.00
_cell.angle_beta   90.00
_cell.angle_gamma   90.00
#
_symmetry.space_group_name_H-M   'P 21 21 21'
#
loop_
_entity.id
_entity.type
_entity.pdbx_description
1 polymer 'Major histocompatibility complex class I-related gene protein'
2 polymer Beta-2-microglobulin
3 polymer 'TCR alpha'
4 polymer 'TCR beta'
5 water water
#
loop_
_entity_poly.entity_id
_entity_poly.type
_entity_poly.pdbx_seq_one_letter_code
_entity_poly.pdbx_strand_id
1 'polypeptide(L)'
;MRTHSLRYFRLGVSDPIHGVPEFISVGYVDSHPITTYDSVTRQAEPRAPWMAENLAPDHWERYTQLLRGWQQMFKVELKR
LQRHYNHSGSHTYQRMIGCELLEDGSTTGFLQYAYDGQDFLIFNKDTLSWLAVDNVAHTIKQAWEANQHELLYQKNWLEE
ECIAWLKRFLEYGKDTLQRTEPPLVRVNRKETFPGVTALFCKAHGFYPPEIYMTWMKNGEEIVQEIDYGDILPSGDGTYQ
AWASIELDPQSSNLYSCHVEHSGVHMVLQVPGSGGGLNDIFEAQKIEWHE
;
A
2 'polypeptide(L)'
;MIQRTPKIQVYSRHPAENGKSNFLNCYVSGFHPSDIEVDLLKNGERIEKVEHSDLSFSKDWSFYLLYYTEFTPTEKDEYA
CRVNHVTLSQPKIVKWDRDM
;
B
3 'polypeptide(L)'
;MAGQNIDQPTEMTATEGAIVQINCTYQTSGFNGLFWYQQHAGEAPTFLSYNVLDGLEEKGRFSSFLSRSKGYSYLLLKEL
QMKDSASYLCAFLDSNYQLIWGAGTKLIIKPDIQNPDPAVYQLRDSKSSDKSVCLFTDFDSQTNVSQSKDSDVYITDKCV
LDMRSMDFKSNSAVAWSNKSDFACANAFNNSIIPEDTFFPSPESS
;
D
4 'polypeptide(L)'
;NAGVTQTPKFQVLKTGQSMTLQCAQDMNHNYMYWYRQDPGMGLRLIYYSASEGTTDKGEVPNGYNVSRSTTEDFPLRLLS
AAPSQTSVYFCASSNREYSPLHFGNGTRLTVTEDLNKVFPPEVAVFEPSEAEISHTQKATLVCLATGFYPDHVELSWWVN
GKEVHSGVCTDPQPLKEQPALNDSRYALSSRLRVSATFWQDPRNHFRCQVQFYGLSENDEWTQDRAKPVTQIVSAEAWGR
ADAAAGAAEQKLISEEDLNGAA
;
E
#
# COMPACT_ATOMS: atom_id res chain seq x y z
N MET A 1 16.37 28.52 -17.32
CA MET A 1 17.25 29.27 -16.35
C MET A 1 16.78 29.05 -14.89
N ARG A 2 15.52 28.66 -14.69
CA ARG A 2 14.89 28.55 -13.35
C ARG A 2 14.96 27.10 -12.85
N THR A 3 15.53 26.93 -11.65
CA THR A 3 15.43 25.70 -10.84
C THR A 3 14.07 25.71 -10.12
N HIS A 4 13.29 24.65 -10.33
CA HIS A 4 11.99 24.43 -9.66
C HIS A 4 12.14 23.27 -8.67
N SER A 5 11.27 23.23 -7.66
CA SER A 5 11.33 22.22 -6.58
C SER A 5 9.92 21.89 -6.12
N LEU A 6 9.76 20.65 -5.66
CA LEU A 6 8.56 20.12 -4.99
C LEU A 6 9.04 19.60 -3.64
N ARG A 7 8.38 20.05 -2.57
CA ARG A 7 8.74 19.75 -1.16
C ARG A 7 7.47 19.44 -0.38
N TYR A 8 7.49 18.39 0.45
CA TYR A 8 6.42 18.14 1.43
C TYR A 8 7.01 18.23 2.84
N PHE A 9 6.30 18.97 3.69
CA PHE A 9 6.61 19.16 5.13
C PHE A 9 5.53 18.45 5.95
N ARG A 10 5.96 17.71 6.96
CA ARG A 10 5.09 16.93 7.87
C ARG A 10 5.46 17.34 9.30
N LEU A 11 4.45 17.73 10.08
CA LEU A 11 4.60 18.20 11.47
C LEU A 11 3.67 17.37 12.34
N GLY A 12 4.26 16.78 13.38
CA GLY A 12 3.56 16.08 14.47
C GLY A 12 3.91 16.71 15.81
N VAL A 13 2.88 16.97 16.62
CA VAL A 13 3.02 17.51 17.99
C VAL A 13 2.20 16.61 18.91
N SER A 14 2.84 16.06 19.94
CA SER A 14 2.21 15.24 21.01
C SER A 14 1.62 16.22 22.02
N ASP A 15 0.51 15.88 22.67
CA ASP A 15 -0.19 16.77 23.64
C ASP A 15 -0.23 18.20 23.11
N PRO A 16 -0.92 18.46 21.98
CA PRO A 16 -1.11 19.83 21.52
C PRO A 16 -2.21 20.48 22.36
N ILE A 17 -2.06 21.77 22.69
CA ILE A 17 -3.09 22.54 23.45
C ILE A 17 -4.38 22.53 22.63
N HIS A 18 -5.52 22.56 23.32
CA HIS A 18 -6.87 22.41 22.72
C HIS A 18 -6.98 23.23 21.42
N GLY A 19 -7.43 22.58 20.34
CA GLY A 19 -7.75 23.19 19.03
C GLY A 19 -6.65 23.00 18.01
N VAL A 20 -5.39 23.12 18.45
CA VAL A 20 -4.16 23.02 17.60
C VAL A 20 -4.06 21.59 17.07
N PRO A 21 -3.88 21.42 15.74
CA PRO A 21 -3.63 20.11 15.16
C PRO A 21 -2.40 19.36 15.71
N GLU A 22 -2.62 18.10 16.04
CA GLU A 22 -1.64 17.03 16.32
C GLU A 22 -0.73 16.82 15.08
N PHE A 23 -1.27 16.98 13.88
CA PHE A 23 -0.58 16.58 12.63
C PHE A 23 -0.97 17.55 11.54
N ILE A 24 0.02 18.01 10.75
CA ILE A 24 -0.18 18.95 9.62
C ILE A 24 0.78 18.51 8.52
N SER A 25 0.37 18.61 7.27
CA SER A 25 1.19 18.30 6.08
C SER A 25 0.90 19.34 5.00
N VAL A 26 1.93 19.95 4.47
CA VAL A 26 1.79 20.98 3.40
C VAL A 26 2.81 20.66 2.33
N GLY A 27 2.39 20.77 1.07
CA GLY A 27 3.28 20.69 -0.10
C GLY A 27 3.42 22.05 -0.76
N TYR A 28 4.56 22.22 -1.44
CA TYR A 28 4.94 23.46 -2.15
C TYR A 28 5.58 23.10 -3.48
N VAL A 29 5.25 23.85 -4.54
CA VAL A 29 6.11 23.97 -5.76
C VAL A 29 6.77 25.34 -5.66
N ASP A 30 8.10 25.37 -5.52
CA ASP A 30 8.86 26.61 -5.23
C ASP A 30 8.28 27.18 -3.93
N SER A 31 7.98 28.47 -3.87
CA SER A 31 7.43 29.11 -2.65
C SER A 31 5.89 28.99 -2.60
N HIS A 32 5.23 28.45 -3.63
CA HIS A 32 3.74 28.43 -3.71
CA HIS A 32 3.75 28.42 -3.73
C HIS A 32 3.22 27.15 -3.08
N PRO A 33 2.38 27.23 -2.01
CA PRO A 33 1.74 26.04 -1.42
C PRO A 33 0.71 25.42 -2.39
N ILE A 34 0.65 24.09 -2.47
CA ILE A 34 -0.22 23.37 -3.47
C ILE A 34 -1.26 22.49 -2.78
N THR A 35 -1.01 22.02 -1.56
CA THR A 35 -1.85 21.05 -0.84
C THR A 35 -1.70 21.28 0.66
N THR A 36 -2.73 20.93 1.42
CA THR A 36 -2.70 20.95 2.90
C THR A 36 -3.59 19.84 3.42
N TYR A 37 -3.22 19.33 4.59
CA TYR A 37 -3.98 18.34 5.37
C TYR A 37 -3.69 18.62 6.85
N ASP A 38 -4.67 18.50 7.72
CA ASP A 38 -4.36 18.45 9.18
C ASP A 38 -5.32 17.47 9.85
N SER A 39 -5.00 17.10 11.09
CA SER A 39 -5.76 16.13 11.91
C SER A 39 -7.11 16.73 12.32
N VAL A 40 -7.32 18.03 12.14
CA VAL A 40 -8.60 18.69 12.51
C VAL A 40 -9.58 18.59 11.34
N THR A 41 -9.20 18.99 10.11
CA THR A 41 -10.04 18.85 8.88
C THR A 41 -10.12 17.37 8.45
N ARG A 42 -9.00 16.64 8.49
CA ARG A 42 -8.85 15.22 8.05
C ARG A 42 -9.15 15.09 6.56
N GLN A 43 -8.89 16.16 5.79
CA GLN A 43 -9.13 16.27 4.33
C GLN A 43 -7.91 16.86 3.64
N ALA A 44 -7.43 16.21 2.57
CA ALA A 44 -6.46 16.77 1.62
C ALA A 44 -7.15 17.87 0.81
N GLU A 45 -6.62 19.08 0.82
CA GLU A 45 -7.26 20.23 0.14
C GLU A 45 -6.22 20.93 -0.73
N PRO A 46 -6.63 21.43 -1.92
CA PRO A 46 -5.71 22.20 -2.75
C PRO A 46 -5.41 23.55 -2.09
N ARG A 47 -4.24 24.13 -2.37
CA ARG A 47 -3.89 25.47 -1.86
C ARG A 47 -3.51 26.38 -3.03
N ALA A 48 -3.82 25.98 -4.27
CA ALA A 48 -3.73 26.84 -5.46
C ALA A 48 -4.94 26.58 -6.35
N PRO A 49 -5.48 27.62 -7.01
CA PRO A 49 -6.63 27.43 -7.90
C PRO A 49 -6.31 26.43 -9.02
N TRP A 50 -5.09 26.48 -9.55
CA TRP A 50 -4.61 25.60 -10.66
C TRP A 50 -4.41 24.14 -10.20
N MET A 51 -4.39 23.87 -8.90
CA MET A 51 -4.38 22.48 -8.37
C MET A 51 -5.83 21.96 -8.28
N ALA A 52 -6.76 22.78 -7.81
CA ALA A 52 -8.20 22.44 -7.72
C ALA A 52 -8.76 22.18 -9.13
N GLU A 53 -8.33 22.93 -10.15
CA GLU A 53 -8.90 22.84 -11.51
C GLU A 53 -8.38 21.63 -12.27
N ASN A 54 -7.18 21.13 -11.96
CA ASN A 54 -6.55 20.08 -12.80
C ASN A 54 -6.58 18.69 -12.13
N LEU A 55 -6.93 18.61 -10.84
CA LEU A 55 -6.94 17.34 -10.08
C LEU A 55 -8.36 17.10 -9.59
N ALA A 56 -8.98 16.05 -10.14
CA ALA A 56 -10.39 15.66 -9.94
C ALA A 56 -10.62 15.27 -8.47
N PRO A 57 -11.90 15.25 -8.01
CA PRO A 57 -12.22 14.84 -6.65
C PRO A 57 -11.62 13.51 -6.19
N ASP A 58 -11.51 12.53 -7.09
CA ASP A 58 -10.99 11.17 -6.78
C ASP A 58 -9.53 11.28 -6.37
N HIS A 59 -8.80 12.29 -6.86
CA HIS A 59 -7.37 12.49 -6.50
C HIS A 59 -7.30 12.90 -5.03
N TRP A 60 -8.15 13.84 -4.63
CA TRP A 60 -8.20 14.39 -3.25
C TRP A 60 -8.72 13.32 -2.29
N GLU A 61 -9.66 12.50 -2.73
CA GLU A 61 -10.27 11.44 -1.90
C GLU A 61 -9.20 10.40 -1.57
N ARG A 62 -8.39 10.04 -2.57
CA ARG A 62 -7.30 9.06 -2.42
C ARG A 62 -6.22 9.63 -1.48
N TYR A 63 -5.84 10.88 -1.70
CA TYR A 63 -4.74 11.54 -0.99
C TYR A 63 -5.17 11.78 0.47
N THR A 64 -6.44 12.10 0.71
CA THR A 64 -7.02 12.13 2.07
C THR A 64 -6.71 10.81 2.79
N GLN A 65 -6.97 9.67 2.15
CA GLN A 65 -6.82 8.34 2.81
C GLN A 65 -5.35 8.11 3.11
N LEU A 66 -4.46 8.45 2.16
CA LEU A 66 -2.99 8.30 2.34
C LEU A 66 -2.52 9.13 3.54
N LEU A 67 -3.00 10.38 3.62
CA LEU A 67 -2.62 11.31 4.72
C LEU A 67 -3.19 10.86 6.05
N ARG A 68 -4.36 10.21 6.06
CA ARG A 68 -4.88 9.64 7.34
C ARG A 68 -3.91 8.57 7.83
N GLY A 69 -3.39 7.78 6.91
CA GLY A 69 -2.34 6.79 7.20
C GLY A 69 -1.08 7.47 7.71
N TRP A 70 -0.52 8.45 6.98
CA TRP A 70 0.71 9.16 7.43
C TRP A 70 0.50 9.83 8.79
N GLN A 71 -0.67 10.40 9.07
CA GLN A 71 -0.98 11.01 10.38
C GLN A 71 -0.84 9.95 11.48
N GLN A 72 -1.36 8.73 11.28
CA GLN A 72 -1.31 7.66 12.31
C GLN A 72 0.15 7.20 12.52
N MET A 73 0.88 7.04 11.42
CA MET A 73 2.29 6.59 11.45
C MET A 73 3.11 7.61 12.27
N PHE A 74 2.89 8.91 12.00
CA PHE A 74 3.58 10.02 12.71
C PHE A 74 3.33 9.91 14.22
N LYS A 75 2.07 9.82 14.60
CA LYS A 75 1.67 9.70 16.03
C LYS A 75 2.43 8.53 16.65
N VAL A 76 2.46 7.38 15.99
CA VAL A 76 3.09 6.15 16.55
C VAL A 76 4.60 6.37 16.65
N GLU A 77 5.23 6.91 15.61
CA GLU A 77 6.70 7.10 15.57
C GLU A 77 7.11 8.10 16.65
N LEU A 78 6.35 9.18 16.82
CA LEU A 78 6.67 10.25 17.81
C LEU A 78 6.56 9.68 19.22
N LYS A 79 5.54 8.86 19.46
CA LYS A 79 5.30 8.25 20.80
C LYS A 79 6.44 7.28 21.12
N ARG A 80 6.92 6.51 20.13
CA ARG A 80 8.10 5.60 20.31
C ARG A 80 9.36 6.40 20.60
N LEU A 81 9.61 7.48 19.85
CA LEU A 81 10.80 8.35 20.06
C LEU A 81 10.81 8.88 21.49
N GLN A 82 9.67 9.37 21.99
CA GLN A 82 9.52 9.94 23.36
C GLN A 82 9.86 8.85 24.40
N ARG A 83 9.43 7.61 24.16
CA ARG A 83 9.76 6.46 25.04
C ARG A 83 11.28 6.28 25.03
N HIS A 84 11.90 6.18 23.85
CA HIS A 84 13.36 5.95 23.72
C HIS A 84 14.16 7.06 24.41
N TYR A 85 13.57 8.23 24.68
CA TYR A 85 14.28 9.37 25.30
C TYR A 85 13.71 9.63 26.69
N ASN A 86 12.85 8.74 27.19
CA ASN A 86 12.10 8.92 28.47
C ASN A 86 11.67 10.39 28.59
N HIS A 87 11.05 10.91 27.55
CA HIS A 87 10.49 12.28 27.41
C HIS A 87 8.97 12.24 27.59
N SER A 88 8.42 13.22 28.29
CA SER A 88 6.98 13.44 28.44
C SER A 88 6.65 14.91 28.15
N GLY A 89 5.36 15.23 28.09
CA GLY A 89 4.82 16.53 27.66
C GLY A 89 4.75 16.57 26.16
N SER A 90 4.79 17.77 25.58
CA SER A 90 4.69 17.98 24.13
C SER A 90 6.11 17.96 23.51
N HIS A 91 6.27 17.17 22.44
CA HIS A 91 7.49 17.09 21.62
C HIS A 91 7.06 17.09 20.16
N THR A 92 7.98 17.51 19.30
CA THR A 92 7.79 17.76 17.86
C THR A 92 8.54 16.68 17.08
N TYR A 93 7.91 16.17 16.03
CA TYR A 93 8.55 15.36 14.97
C TYR A 93 8.29 16.05 13.64
N GLN A 94 9.32 16.20 12.81
CA GLN A 94 9.22 16.86 11.48
C GLN A 94 9.84 15.98 10.40
N ARG A 95 9.21 15.98 9.24
CA ARG A 95 9.71 15.32 8.02
C ARG A 95 9.64 16.33 6.89
N MET A 96 10.66 16.30 6.06
CA MET A 96 10.86 17.15 4.88
C MET A 96 11.33 16.22 3.75
N ILE A 97 10.61 16.19 2.63
CA ILE A 97 11.02 15.40 1.44
C ILE A 97 10.84 16.29 0.21
N GLY A 98 11.70 16.14 -0.79
CA GLY A 98 11.64 17.00 -1.99
C GLY A 98 12.66 16.65 -3.06
N CYS A 99 12.44 17.23 -4.22
CA CYS A 99 13.34 17.14 -5.38
C CYS A 99 13.46 18.52 -6.04
N GLU A 100 14.51 18.70 -6.84
CA GLU A 100 14.72 19.89 -7.69
C GLU A 100 14.94 19.43 -9.12
N LEU A 101 14.29 20.09 -10.09
CA LEU A 101 14.57 20.01 -11.54
C LEU A 101 15.30 21.29 -11.94
N LEU A 102 16.53 21.15 -12.44
CA LEU A 102 17.37 22.28 -12.93
C LEU A 102 17.12 22.46 -14.44
N GLU A 103 17.39 23.65 -14.97
CA GLU A 103 17.22 24.00 -16.42
C GLU A 103 17.83 22.91 -17.31
N ASP A 104 19.05 22.45 -16.98
CA ASP A 104 19.88 21.51 -17.81
C ASP A 104 19.24 20.12 -17.85
N GLY A 105 18.41 19.78 -16.86
CA GLY A 105 17.74 18.48 -16.77
C GLY A 105 18.16 17.70 -15.53
N SER A 106 19.26 18.12 -14.89
CA SER A 106 19.81 17.45 -13.69
C SER A 106 18.81 17.57 -12.52
N THR A 107 18.78 16.59 -11.62
CA THR A 107 17.80 16.56 -10.50
C THR A 107 18.58 16.43 -9.20
N THR A 108 17.95 16.84 -8.10
CA THR A 108 18.37 16.51 -6.72
C THR A 108 17.14 16.01 -5.95
N GLY A 109 17.38 15.34 -4.83
CA GLY A 109 16.33 14.88 -3.93
C GLY A 109 16.86 14.83 -2.52
N PHE A 110 15.97 14.87 -1.55
CA PHE A 110 16.33 14.95 -0.12
C PHE A 110 15.16 14.41 0.68
N LEU A 111 15.50 13.80 1.80
CA LEU A 111 14.54 13.29 2.81
C LEU A 111 15.26 13.35 4.14
N GLN A 112 14.68 14.05 5.11
CA GLN A 112 15.20 14.09 6.50
C GLN A 112 14.09 14.26 7.54
N TYR A 113 14.43 13.89 8.77
CA TYR A 113 13.57 13.98 9.97
C TYR A 113 14.28 14.83 11.03
N ALA A 114 13.49 15.49 11.86
CA ALA A 114 13.98 16.20 13.07
C ALA A 114 13.09 15.84 14.25
N TYR A 115 13.69 15.78 15.43
CA TYR A 115 12.99 15.65 16.73
C TYR A 115 13.28 16.97 17.47
N ASP A 116 12.22 17.63 17.94
CA ASP A 116 12.25 18.91 18.70
C ASP A 116 13.09 19.93 17.93
N GLY A 117 12.97 19.93 16.59
CA GLY A 117 13.54 20.98 15.72
C GLY A 117 15.04 20.85 15.51
N GLN A 118 15.58 19.68 15.81
CA GLN A 118 17.02 19.36 15.63
C GLN A 118 17.12 18.17 14.67
N ASP A 119 18.14 18.15 13.81
CA ASP A 119 18.43 17.05 12.86
C ASP A 119 18.33 15.72 13.63
N PHE A 120 17.72 14.72 13.02
CA PHE A 120 17.58 13.37 13.63
C PHE A 120 18.19 12.34 12.68
N LEU A 121 17.63 12.26 11.47
CA LEU A 121 17.96 11.24 10.45
C LEU A 121 17.97 11.91 9.08
N ILE A 122 19.06 11.75 8.34
CA ILE A 122 19.20 12.33 6.97
C ILE A 122 19.47 11.18 6.01
N PHE A 123 18.69 11.11 4.93
CA PHE A 123 18.82 10.04 3.91
C PHE A 123 19.87 10.49 2.90
N ASN A 124 20.80 9.60 2.54
CA ASN A 124 21.59 9.74 1.29
C ASN A 124 21.10 8.68 0.29
N LYS A 125 20.44 9.08 -0.80
CA LYS A 125 19.85 8.18 -1.82
C LYS A 125 20.91 7.65 -2.79
N ASP A 126 22.12 8.20 -2.78
CA ASP A 126 23.25 7.70 -3.61
C ASP A 126 23.93 6.53 -2.91
N THR A 127 24.24 6.62 -1.62
CA THR A 127 24.86 5.51 -0.85
C THR A 127 23.79 4.62 -0.26
N LEU A 128 22.52 4.95 -0.43
CA LEU A 128 21.36 4.22 0.15
C LEU A 128 21.60 4.04 1.65
N SER A 129 21.93 5.13 2.34
CA SER A 129 22.23 5.09 3.80
C SER A 129 21.55 6.27 4.50
N TRP A 130 21.52 6.20 5.84
CA TRP A 130 20.97 7.24 6.74
C TRP A 130 22.07 7.72 7.70
N LEU A 131 22.27 9.03 7.78
CA LEU A 131 23.08 9.64 8.87
C LEU A 131 22.19 9.85 10.11
N ALA A 132 22.67 9.45 11.30
CA ALA A 132 21.88 9.51 12.55
C ALA A 132 22.64 10.32 13.58
N VAL A 133 21.97 11.25 14.27
CA VAL A 133 22.65 12.23 15.18
C VAL A 133 23.04 11.58 16.51
N ASP A 134 22.44 10.44 16.86
CA ASP A 134 22.61 9.82 18.19
C ASP A 134 22.19 8.34 18.17
N ASN A 135 22.37 7.65 19.29
CA ASN A 135 22.21 6.17 19.45
C ASN A 135 20.76 5.78 19.18
N VAL A 136 19.81 6.63 19.55
CA VAL A 136 18.37 6.35 19.36
C VAL A 136 18.07 6.39 17.84
N ALA A 137 18.52 7.45 17.16
CA ALA A 137 18.44 7.58 15.69
C ALA A 137 19.21 6.42 15.04
N HIS A 138 20.39 6.10 15.56
CA HIS A 138 21.26 5.04 14.99
C HIS A 138 20.48 3.72 15.01
N THR A 139 19.84 3.41 16.13
CA THR A 139 19.04 2.17 16.28
C THR A 139 17.97 2.13 15.19
N ILE A 140 17.33 3.26 14.87
CA ILE A 140 16.23 3.29 13.86
C ILE A 140 16.86 3.14 12.46
N LYS A 141 17.86 3.96 12.15
CA LYS A 141 18.62 3.88 10.87
C LYS A 141 18.98 2.42 10.55
N GLN A 142 19.54 1.67 11.51
CA GLN A 142 19.99 0.26 11.31
C GLN A 142 18.83 -0.65 10.92
N ALA A 143 17.63 -0.48 11.46
CA ALA A 143 16.45 -1.25 11.02
C ALA A 143 16.06 -0.85 9.59
N TRP A 144 16.03 0.45 9.31
CA TRP A 144 15.70 0.95 7.93
C TRP A 144 16.70 0.40 6.91
N GLU A 145 17.99 0.28 7.26
CA GLU A 145 19.03 -0.14 6.28
C GLU A 145 19.02 -1.65 6.10
N ALA A 146 18.39 -2.38 7.02
CA ALA A 146 18.21 -3.85 6.92
C ALA A 146 17.15 -4.16 5.87
N ASN A 147 16.35 -3.18 5.48
CA ASN A 147 15.24 -3.31 4.49
C ASN A 147 15.65 -2.65 3.15
N GLN A 148 16.33 -3.41 2.31
CA GLN A 148 16.86 -2.93 1.01
C GLN A 148 15.69 -2.52 0.10
N HIS A 149 14.56 -3.23 0.19
CA HIS A 149 13.35 -2.89 -0.61
C HIS A 149 12.90 -1.45 -0.31
N GLU A 150 12.76 -1.05 0.96
CA GLU A 150 12.28 0.31 1.31
C GLU A 150 13.26 1.40 0.82
N LEU A 151 14.58 1.20 0.98
CA LEU A 151 15.63 2.14 0.53
C LEU A 151 15.50 2.38 -0.98
N LEU A 152 15.37 1.30 -1.76
CA LEU A 152 15.27 1.35 -3.24
C LEU A 152 13.95 2.01 -3.62
N TYR A 153 12.87 1.71 -2.90
CA TYR A 153 11.58 2.42 -3.05
C TYR A 153 11.82 3.93 -2.93
N GLN A 154 12.53 4.40 -1.90
CA GLN A 154 12.69 5.85 -1.57
C GLN A 154 13.53 6.55 -2.62
N LYS A 155 14.61 5.90 -3.02
CA LYS A 155 15.50 6.43 -4.07
C LYS A 155 14.69 6.61 -5.36
N ASN A 156 13.93 5.59 -5.76
CA ASN A 156 13.12 5.64 -6.99
C ASN A 156 12.06 6.75 -6.82
N TRP A 157 11.45 6.86 -5.65
CA TRP A 157 10.42 7.90 -5.43
C TRP A 157 11.07 9.28 -5.62
N LEU A 158 12.22 9.51 -4.99
CA LEU A 158 12.89 10.82 -5.01
C LEU A 158 13.32 11.18 -6.43
N GLU A 159 13.80 10.20 -7.21
CA GLU A 159 14.49 10.42 -8.51
C GLU A 159 13.49 10.39 -9.65
N GLU A 160 12.38 9.65 -9.53
CA GLU A 160 11.42 9.44 -10.65
C GLU A 160 10.08 10.08 -10.31
N GLU A 161 9.43 9.63 -9.24
CA GLU A 161 8.04 10.00 -8.91
C GLU A 161 7.97 11.50 -8.56
N CYS A 162 8.77 11.95 -7.60
CA CYS A 162 8.79 13.35 -7.13
C CYS A 162 9.00 14.26 -8.34
N ILE A 163 9.94 13.91 -9.22
CA ILE A 163 10.23 14.70 -10.46
C ILE A 163 9.04 14.64 -11.43
N ALA A 164 8.38 13.48 -11.59
CA ALA A 164 7.21 13.39 -12.49
C ALA A 164 6.08 14.25 -11.91
N TRP A 165 5.89 14.20 -10.60
CA TRP A 165 4.85 15.03 -9.92
C TRP A 165 5.15 16.51 -10.15
N LEU A 166 6.39 16.92 -9.95
CA LEU A 166 6.86 18.33 -10.14
C LEU A 166 6.58 18.76 -11.59
N LYS A 167 6.89 17.92 -12.57
CA LYS A 167 6.68 18.28 -14.00
C LYS A 167 5.18 18.44 -14.28
N ARG A 168 4.36 17.58 -13.67
CA ARG A 168 2.89 17.63 -13.83
C ARG A 168 2.36 18.93 -13.22
N PHE A 169 2.86 19.32 -12.04
CA PHE A 169 2.40 20.54 -11.32
C PHE A 169 2.94 21.82 -11.99
N LEU A 170 4.19 21.84 -12.47
CA LEU A 170 4.72 22.95 -13.29
C LEU A 170 3.78 23.22 -14.48
N GLU A 171 3.35 22.18 -15.21
CA GLU A 171 2.43 22.39 -16.37
C GLU A 171 1.14 23.01 -15.84
N TYR A 172 0.57 22.49 -14.76
CA TYR A 172 -0.70 23.01 -14.18
C TYR A 172 -0.56 24.48 -13.79
N GLY A 173 0.52 24.87 -13.10
CA GLY A 173 0.74 26.24 -12.59
C GLY A 173 1.65 27.08 -13.48
N LYS A 174 1.84 26.68 -14.75
CA LYS A 174 2.77 27.27 -15.77
C LYS A 174 2.84 28.79 -15.59
N ASP A 175 1.69 29.46 -15.74
CA ASP A 175 1.51 30.93 -15.82
C ASP A 175 1.90 31.64 -14.52
N THR A 176 1.78 30.96 -13.38
CA THR A 176 2.13 31.47 -12.05
C THR A 176 3.61 31.15 -11.77
N LEU A 177 4.05 29.93 -12.05
CA LEU A 177 5.32 29.39 -11.48
C LEU A 177 6.50 29.82 -12.35
N GLN A 178 6.27 30.02 -13.65
CA GLN A 178 7.31 30.37 -14.64
C GLN A 178 7.34 31.86 -14.97
N ARG A 179 6.42 32.67 -14.43
CA ARG A 179 6.37 34.13 -14.69
C ARG A 179 7.57 34.83 -14.03
N THR A 180 7.90 36.03 -14.51
CA THR A 180 8.81 36.93 -13.81
C THR A 180 8.03 38.21 -13.60
N GLU A 181 7.99 38.73 -12.37
CA GLU A 181 7.53 40.12 -12.12
C GLU A 181 8.76 40.93 -11.71
N PRO A 182 9.25 41.82 -12.59
CA PRO A 182 10.41 42.66 -12.28
C PRO A 182 10.12 43.60 -11.12
N PRO A 183 11.12 43.95 -10.29
CA PRO A 183 10.91 44.85 -9.16
C PRO A 183 10.71 46.33 -9.52
N LEU A 184 9.79 46.99 -8.80
CA LEU A 184 9.75 48.46 -8.61
C LEU A 184 10.78 48.85 -7.57
N VAL A 185 11.70 49.74 -7.93
CA VAL A 185 12.83 50.12 -7.06
C VAL A 185 12.82 51.63 -6.89
N ARG A 186 12.84 52.12 -5.64
CA ARG A 186 12.85 53.57 -5.31
C ARG A 186 13.87 53.81 -4.19
N VAL A 187 14.37 55.05 -4.11
CA VAL A 187 15.32 55.51 -3.05
C VAL A 187 14.65 56.63 -2.25
N ASN A 188 14.72 56.52 -0.91
CA ASN A 188 14.13 57.45 0.09
C ASN A 188 15.22 57.84 1.11
N ARG A 189 15.11 59.01 1.75
CA ARG A 189 15.90 59.40 2.96
C ARG A 189 14.95 59.61 4.15
N VAL A 196 17.83 60.43 9.74
CA VAL A 196 19.20 60.17 10.29
C VAL A 196 20.28 60.43 9.21
N THR A 197 19.90 60.89 8.00
CA THR A 197 20.70 61.05 6.74
C THR A 197 21.18 59.67 6.25
N ALA A 198 20.24 58.74 6.07
CA ALA A 198 20.44 57.42 5.43
C ALA A 198 19.67 57.37 4.10
N LEU A 199 20.19 56.60 3.13
CA LEU A 199 19.52 56.30 1.84
C LEU A 199 19.02 54.86 1.91
N PHE A 200 17.72 54.67 1.71
CA PHE A 200 17.07 53.34 1.62
C PHE A 200 16.76 53.05 0.16
N CYS A 201 17.33 51.98 -0.35
CA CYS A 201 16.97 51.38 -1.65
C CYS A 201 15.88 50.32 -1.43
N LYS A 202 14.66 50.56 -1.90
CA LYS A 202 13.47 49.74 -1.59
C LYS A 202 12.94 49.13 -2.89
N ALA A 203 12.82 47.80 -2.94
CA ALA A 203 12.32 47.04 -4.09
C ALA A 203 11.07 46.25 -3.67
N HIS A 204 10.08 46.16 -4.55
CA HIS A 204 8.82 45.44 -4.26
C HIS A 204 8.12 45.04 -5.56
N GLY A 205 7.13 44.18 -5.42
CA GLY A 205 6.31 43.65 -6.52
C GLY A 205 7.06 42.61 -7.32
N PHE A 206 8.16 42.06 -6.78
CA PHE A 206 9.04 41.16 -7.59
C PHE A 206 8.70 39.69 -7.33
N TYR A 207 8.96 38.89 -8.37
CA TYR A 207 8.89 37.41 -8.37
C TYR A 207 9.73 36.88 -9.53
N PRO A 208 10.53 35.82 -9.36
CA PRO A 208 10.70 35.13 -8.08
C PRO A 208 11.43 35.87 -6.96
N PRO A 209 11.40 35.32 -5.74
CA PRO A 209 12.00 35.98 -4.58
C PRO A 209 13.51 36.28 -4.65
N GLU A 210 14.29 35.52 -5.42
CA GLU A 210 15.76 35.71 -5.49
C GLU A 210 16.06 37.12 -6.05
N ILE A 211 16.72 37.96 -5.26
CA ILE A 211 17.13 39.31 -5.73
C ILE A 211 18.47 39.67 -5.08
N TYR A 212 19.34 40.38 -5.80
CA TYR A 212 20.61 40.94 -5.29
C TYR A 212 20.45 42.45 -5.26
N MET A 213 20.78 43.10 -4.15
CA MET A 213 20.75 44.57 -3.98
C MET A 213 22.02 45.06 -3.27
N THR A 214 22.62 46.16 -3.72
CA THR A 214 23.85 46.72 -3.08
C THR A 214 23.94 48.22 -3.34
N TRP A 215 24.93 48.88 -2.73
CA TRP A 215 25.24 50.31 -2.95
C TRP A 215 26.70 50.44 -3.44
N MET A 216 26.99 51.49 -4.21
CA MET A 216 28.33 51.80 -4.78
C MET A 216 28.48 53.33 -4.84
N LYS A 217 29.69 53.86 -5.17
CA LYS A 217 30.04 55.31 -5.12
C LYS A 217 30.94 55.74 -6.29
N GLU A 221 33.41 50.85 -6.91
CA GLU A 221 33.64 50.84 -5.43
C GLU A 221 32.36 50.46 -4.68
N ILE A 222 32.23 49.20 -4.24
CA ILE A 222 31.07 48.78 -3.37
C ILE A 222 31.26 49.42 -1.99
N VAL A 223 30.15 49.87 -1.36
CA VAL A 223 30.11 50.29 0.07
C VAL A 223 30.11 49.01 0.91
N GLN A 224 30.91 48.93 1.99
CA GLN A 224 31.07 47.70 2.82
C GLN A 224 30.02 47.70 3.94
N GLU A 225 29.76 48.84 4.58
CA GLU A 225 28.84 48.98 5.75
C GLU A 225 27.42 49.31 5.26
N ILE A 226 26.65 48.26 4.94
CA ILE A 226 25.31 48.26 4.32
C ILE A 226 24.37 47.42 5.19
N ASP A 227 23.24 47.95 5.65
CA ASP A 227 22.16 47.14 6.28
C ASP A 227 21.26 46.59 5.15
N TYR A 228 20.85 45.32 5.30
CA TYR A 228 20.02 44.56 4.34
C TYR A 228 18.70 44.22 5.04
N GLY A 229 17.58 44.69 4.51
CA GLY A 229 16.25 44.10 4.77
C GLY A 229 16.17 42.71 4.19
N ASP A 230 15.42 41.82 4.83
CA ASP A 230 15.14 40.44 4.35
C ASP A 230 14.17 40.50 3.16
N ILE A 231 14.18 39.46 2.35
CA ILE A 231 13.18 39.26 1.27
C ILE A 231 11.90 38.74 1.92
N LEU A 232 10.86 39.57 2.01
CA LEU A 232 9.62 39.28 2.77
C LEU A 232 8.48 39.14 1.78
N PRO A 233 7.51 38.25 2.04
CA PRO A 233 6.35 38.11 1.17
C PRO A 233 5.37 39.27 1.41
N SER A 234 4.92 39.89 0.32
CA SER A 234 4.03 41.07 0.30
C SER A 234 2.56 40.62 0.46
N GLY A 235 2.31 39.34 0.20
CA GLY A 235 1.01 38.70 0.43
C GLY A 235 0.27 38.41 -0.87
N ASP A 236 0.65 39.06 -1.97
CA ASP A 236 -0.06 38.98 -3.27
C ASP A 236 0.75 38.13 -4.25
N GLY A 237 1.61 37.23 -3.74
CA GLY A 237 2.49 36.38 -4.56
C GLY A 237 3.81 37.04 -4.95
N THR A 238 4.01 38.32 -4.61
CA THR A 238 5.26 39.06 -4.90
C THR A 238 5.97 39.31 -3.57
N TYR A 239 7.17 39.89 -3.64
CA TYR A 239 8.12 40.01 -2.53
C TYR A 239 8.72 41.42 -2.53
N GLN A 240 9.29 41.82 -1.40
CA GLN A 240 9.87 43.16 -1.15
C GLN A 240 11.16 43.00 -0.33
N ALA A 241 12.07 43.94 -0.45
CA ALA A 241 13.35 43.94 0.28
C ALA A 241 13.98 45.33 0.18
N TRP A 242 15.09 45.56 0.90
CA TRP A 242 15.81 46.84 0.87
C TRP A 242 17.26 46.69 1.33
N ALA A 243 18.10 47.62 0.90
CA ALA A 243 19.48 47.87 1.33
C ALA A 243 19.61 49.34 1.70
N SER A 244 20.15 49.65 2.88
CA SER A 244 20.35 51.04 3.37
C SER A 244 21.85 51.29 3.55
N ILE A 245 22.21 52.57 3.54
CA ILE A 245 23.57 53.06 3.92
C ILE A 245 23.40 54.39 4.66
N GLU A 246 24.35 54.66 5.56
CA GLU A 246 24.53 55.93 6.30
C GLU A 246 25.48 56.80 5.48
N LEU A 247 25.26 58.12 5.44
CA LEU A 247 26.12 59.06 4.69
C LEU A 247 27.14 59.73 5.63
N ASP A 248 28.44 59.62 5.34
CA ASP A 248 29.47 60.48 5.98
C ASP A 248 29.22 61.91 5.52
N PRO A 249 28.89 62.87 6.42
CA PRO A 249 28.59 64.25 6.02
C PRO A 249 29.63 64.95 5.13
N GLN A 250 30.79 64.31 4.86
CA GLN A 250 31.82 64.76 3.87
C GLN A 250 32.26 63.57 2.99
N ASN A 253 31.46 62.55 -3.19
CA ASN A 253 30.80 61.30 -2.72
C ASN A 253 29.44 61.11 -3.44
N LEU A 254 29.42 60.36 -4.56
CA LEU A 254 28.21 60.15 -5.41
C LEU A 254 27.79 58.67 -5.34
N TYR A 255 26.63 58.40 -4.74
CA TYR A 255 26.14 57.05 -4.33
C TYR A 255 25.05 56.57 -5.31
N SER A 256 24.96 55.25 -5.54
CA SER A 256 24.02 54.64 -6.52
C SER A 256 23.55 53.27 -6.04
N CYS A 257 22.26 53.00 -6.19
CA CYS A 257 21.64 51.68 -5.85
C CYS A 257 21.68 50.72 -7.05
N HIS A 258 22.14 49.48 -6.84
CA HIS A 258 22.28 48.42 -7.87
C HIS A 258 21.36 47.27 -7.50
N VAL A 259 20.40 46.92 -8.37
CA VAL A 259 19.54 45.75 -8.17
C VAL A 259 19.73 44.79 -9.34
N GLU A 260 19.74 43.49 -9.05
CA GLU A 260 19.81 42.38 -10.04
C GLU A 260 18.64 41.46 -9.78
N HIS A 261 17.88 41.12 -10.81
CA HIS A 261 16.70 40.23 -10.73
C HIS A 261 16.49 39.49 -12.05
N SER A 262 16.40 38.17 -11.97
CA SER A 262 16.14 37.27 -13.11
C SER A 262 16.87 37.76 -14.35
N GLY A 263 18.18 38.05 -14.24
CA GLY A 263 19.05 38.34 -15.38
C GLY A 263 19.07 39.80 -15.77
N VAL A 264 18.44 40.70 -15.00
CA VAL A 264 18.36 42.15 -15.38
C VAL A 264 19.00 42.97 -14.27
N HIS A 265 19.80 43.95 -14.65
CA HIS A 265 20.53 44.89 -13.74
C HIS A 265 19.88 46.25 -13.89
N MET A 266 19.61 46.86 -12.75
CA MET A 266 19.01 48.21 -12.64
C MET A 266 19.95 49.05 -11.79
N VAL A 267 20.20 50.29 -12.18
CA VAL A 267 20.94 51.31 -11.38
C VAL A 267 20.07 52.55 -11.17
N LEU A 268 20.00 53.04 -9.93
CA LEU A 268 19.46 54.38 -9.58
C LEU A 268 20.58 55.29 -9.10
N GLN A 269 21.09 56.20 -9.94
CA GLN A 269 22.01 57.27 -9.49
C GLN A 269 21.23 58.19 -8.56
N VAL A 270 21.72 58.44 -7.35
CA VAL A 270 21.20 59.51 -6.45
C VAL A 270 22.00 60.79 -6.70
N PRO A 271 21.35 61.93 -6.97
CA PRO A 271 22.05 63.21 -6.98
C PRO A 271 22.61 63.55 -5.58
N MET B 1 14.19 21.11 25.41
CA MET B 1 14.81 21.19 24.07
C MET B 1 15.38 22.60 23.85
N ILE B 2 16.00 22.83 22.69
CA ILE B 2 16.37 24.18 22.16
C ILE B 2 15.08 24.86 21.68
N GLN B 3 14.84 26.09 22.14
CA GLN B 3 13.66 26.91 21.74
C GLN B 3 14.21 28.11 21.00
N ARG B 4 13.46 28.59 20.02
CA ARG B 4 13.90 29.72 19.18
C ARG B 4 12.74 30.72 19.17
N THR B 5 13.02 31.97 19.59
CA THR B 5 12.02 33.05 19.77
C THR B 5 11.67 33.59 18.39
N PRO B 6 10.42 33.92 18.08
CA PRO B 6 10.10 34.41 16.74
C PRO B 6 10.75 35.76 16.42
N LYS B 7 11.20 35.87 15.18
CA LYS B 7 11.46 37.16 14.52
C LYS B 7 10.09 37.70 14.08
N ILE B 8 9.86 38.99 14.28
CA ILE B 8 8.53 39.63 14.04
C ILE B 8 8.75 40.89 13.21
N GLN B 9 8.26 40.90 11.96
CA GLN B 9 8.44 42.05 11.05
C GLN B 9 7.05 42.52 10.59
N VAL B 10 6.80 43.81 10.73
CA VAL B 10 5.50 44.43 10.37
C VAL B 10 5.78 45.44 9.26
N TYR B 11 5.02 45.32 8.16
CA TYR B 11 5.25 46.09 6.92
C TYR B 11 3.96 46.03 6.09
N SER B 12 3.79 46.99 5.19
CA SER B 12 2.63 47.06 4.28
C SER B 12 2.98 46.35 2.96
N ARG B 13 1.96 45.75 2.33
CA ARG B 13 2.05 45.08 1.02
C ARG B 13 2.57 46.08 -0.01
N HIS B 14 1.90 47.22 -0.16
CA HIS B 14 2.25 48.32 -1.10
C HIS B 14 2.78 49.48 -0.28
N PRO B 15 3.58 50.41 -0.88
CA PRO B 15 4.04 51.61 -0.18
C PRO B 15 2.84 52.37 0.39
N ALA B 16 2.93 52.83 1.63
CA ALA B 16 1.80 53.33 2.42
C ALA B 16 1.46 54.74 1.96
N GLU B 17 0.17 55.04 1.82
CA GLU B 17 -0.34 56.39 1.52
C GLU B 17 -1.73 56.53 2.17
N ASN B 18 -1.91 57.55 3.00
CA ASN B 18 -3.11 57.71 3.88
C ASN B 18 -4.37 57.76 3.02
N GLY B 19 -5.39 56.98 3.41
CA GLY B 19 -6.71 56.89 2.74
C GLY B 19 -6.72 55.91 1.59
N LYS B 20 -5.59 55.20 1.34
CA LYS B 20 -5.45 54.20 0.25
C LYS B 20 -5.38 52.78 0.83
N SER B 21 -6.44 52.00 0.55
CA SER B 21 -6.53 50.53 0.69
C SER B 21 -5.13 49.91 0.50
N ASN B 22 -4.67 49.14 1.49
CA ASN B 22 -3.34 48.46 1.50
C ASN B 22 -3.56 47.17 2.29
N PHE B 23 -2.50 46.42 2.57
CA PHE B 23 -2.59 45.24 3.48
C PHE B 23 -1.49 45.38 4.53
N LEU B 24 -1.83 45.12 5.79
CA LEU B 24 -0.84 45.05 6.90
C LEU B 24 -0.31 43.63 7.00
N ASN B 25 1.02 43.49 6.89
CA ASN B 25 1.73 42.19 7.02
C ASN B 25 2.44 42.15 8.38
N CYS B 26 2.30 41.00 9.03
CA CYS B 26 3.12 40.56 10.19
C CYS B 26 3.74 39.20 9.82
N TYR B 27 5.04 39.20 9.52
CA TYR B 27 5.80 37.98 9.20
C TYR B 27 6.53 37.52 10.47
N VAL B 28 6.22 36.29 10.89
CA VAL B 28 6.72 35.66 12.14
C VAL B 28 7.53 34.42 11.72
N SER B 29 8.83 34.38 12.03
CA SER B 29 9.78 33.38 11.46
C SER B 29 10.85 32.95 12.47
N GLY B 30 11.52 31.84 12.17
CA GLY B 30 12.68 31.33 12.92
C GLY B 30 12.35 30.87 14.32
N PHE B 31 11.09 30.53 14.60
CA PHE B 31 10.66 30.12 15.97
C PHE B 31 10.54 28.59 16.06
N HIS B 32 10.61 28.12 17.31
CA HIS B 32 10.42 26.70 17.72
C HIS B 32 10.14 26.69 19.22
N PRO B 33 9.17 25.91 19.74
CA PRO B 33 8.25 25.09 18.92
C PRO B 33 7.19 25.90 18.15
N SER B 34 6.20 25.20 17.60
CA SER B 34 5.28 25.67 16.53
C SER B 34 4.10 26.43 17.13
N ASP B 35 3.74 26.20 18.39
CA ASP B 35 2.55 26.86 19.00
CA ASP B 35 2.59 26.84 19.09
C ASP B 35 2.84 28.36 19.15
N ILE B 36 2.05 29.18 18.47
CA ILE B 36 2.22 30.65 18.43
C ILE B 36 0.85 31.34 18.34
N GLU B 37 0.67 32.49 19.00
CA GLU B 37 -0.59 33.26 18.87
C GLU B 37 -0.21 34.65 18.35
N VAL B 38 -0.79 35.05 17.23
CA VAL B 38 -0.50 36.35 16.56
C VAL B 38 -1.81 37.10 16.39
N ASP B 39 -1.80 38.40 16.68
CA ASP B 39 -2.96 39.32 16.61
C ASP B 39 -2.46 40.62 15.98
N LEU B 40 -3.25 41.23 15.12
CA LEU B 40 -2.95 42.57 14.59
C LEU B 40 -3.85 43.52 15.35
N LEU B 41 -3.34 44.71 15.67
CA LEU B 41 -4.00 45.66 16.59
C LEU B 41 -4.19 46.98 15.86
N LYS B 42 -5.41 47.53 15.95
CA LYS B 42 -5.74 48.91 15.54
C LYS B 42 -5.94 49.72 16.83
N ASN B 43 -5.03 50.65 17.11
CA ASN B 43 -5.06 51.48 18.34
C ASN B 43 -5.30 50.52 19.52
N GLY B 44 -4.49 49.47 19.63
CA GLY B 44 -4.49 48.57 20.80
C GLY B 44 -5.53 47.47 20.71
N GLU B 45 -6.49 47.53 19.79
CA GLU B 45 -7.64 46.57 19.75
C GLU B 45 -7.36 45.43 18.77
N ARG B 46 -7.71 44.20 19.17
CA ARG B 46 -7.64 42.99 18.30
C ARG B 46 -8.54 43.21 17.09
N ILE B 47 -7.97 43.14 15.89
CA ILE B 47 -8.64 43.16 14.56
C ILE B 47 -9.20 41.76 14.28
N GLU B 48 -10.48 41.63 13.93
CA GLU B 48 -11.15 40.30 13.80
C GLU B 48 -10.83 39.67 12.44
N LYS B 49 -10.58 40.49 11.42
CA LYS B 49 -10.59 40.13 9.98
C LYS B 49 -9.16 39.77 9.53
N VAL B 50 -8.53 38.78 10.15
CA VAL B 50 -7.07 38.51 9.95
C VAL B 50 -6.87 37.11 9.38
N GLU B 51 -6.01 37.03 8.36
CA GLU B 51 -5.69 35.82 7.56
C GLU B 51 -4.27 35.35 7.86
N HIS B 52 -3.92 34.09 7.59
CA HIS B 52 -2.54 33.55 7.72
C HIS B 52 -2.29 32.38 6.75
N SER B 53 -1.03 32.17 6.40
CA SER B 53 -0.52 31.18 5.41
C SER B 53 -0.34 29.77 6.00
N SER B 56 4.40 26.35 7.31
CA SER B 56 5.70 26.23 6.59
C SER B 56 6.86 26.06 7.60
N PHE B 57 7.94 25.36 7.22
CA PHE B 57 9.24 25.47 7.94
C PHE B 57 10.41 25.49 6.94
N SER B 58 11.56 25.93 7.44
CA SER B 58 12.80 26.23 6.67
C SER B 58 13.74 25.04 6.78
N LYS B 59 14.89 25.12 6.12
CA LYS B 59 15.87 24.01 6.07
C LYS B 59 16.32 23.70 7.50
N ASP B 60 16.31 24.68 8.42
CA ASP B 60 16.79 24.50 9.83
C ASP B 60 15.65 24.06 10.75
N TRP B 61 14.44 23.83 10.23
CA TRP B 61 13.29 23.18 10.91
C TRP B 61 12.46 24.21 11.68
N SER B 62 12.90 25.47 11.69
CA SER B 62 12.14 26.59 12.33
C SER B 62 10.90 26.91 11.48
N PHE B 63 9.83 27.38 12.13
CA PHE B 63 8.50 27.68 11.56
C PHE B 63 8.44 29.13 11.07
N TYR B 64 7.62 29.37 10.06
CA TYR B 64 7.28 30.75 9.64
C TYR B 64 5.85 30.83 9.11
N LEU B 65 5.31 32.04 9.22
CA LEU B 65 3.87 32.35 9.08
C LEU B 65 3.78 33.82 8.67
N LEU B 66 2.91 34.12 7.72
CA LEU B 66 2.46 35.49 7.40
C LEU B 66 1.02 35.65 7.88
N TYR B 67 0.77 36.64 8.74
CA TYR B 67 -0.56 37.13 9.18
C TYR B 67 -0.80 38.49 8.49
N TYR B 68 -2.04 38.78 8.09
CA TYR B 68 -2.35 40.05 7.38
C TYR B 68 -3.85 40.38 7.40
N THR B 69 -4.11 41.68 7.29
CA THR B 69 -5.48 42.24 7.14
C THR B 69 -5.45 43.35 6.09
N GLU B 70 -6.53 43.42 5.32
CA GLU B 70 -6.98 44.63 4.59
C GLU B 70 -7.09 45.77 5.61
N PHE B 71 -6.58 46.94 5.25
CA PHE B 71 -6.58 48.14 6.12
C PHE B 71 -6.34 49.38 5.25
N THR B 72 -6.86 50.52 5.69
CA THR B 72 -6.61 51.85 5.07
C THR B 72 -5.85 52.69 6.08
N PRO B 73 -4.54 52.94 5.86
CA PRO B 73 -3.76 53.79 6.77
C PRO B 73 -4.42 55.17 6.86
N THR B 74 -4.29 55.82 8.01
CA THR B 74 -4.59 57.26 8.25
C THR B 74 -3.47 57.80 9.13
N GLU B 75 -3.24 59.11 9.12
CA GLU B 75 -2.23 59.80 9.96
C GLU B 75 -2.47 59.48 11.43
N LYS B 76 -3.75 59.45 11.85
CA LYS B 76 -4.22 59.13 13.22
C LYS B 76 -3.87 57.69 13.61
N ASP B 77 -4.36 56.69 12.87
CA ASP B 77 -4.42 55.26 13.31
C ASP B 77 -3.01 54.66 13.47
N GLU B 78 -2.81 53.87 14.54
CA GLU B 78 -1.55 53.14 14.83
C GLU B 78 -1.82 51.64 14.82
N TYR B 79 -0.98 50.90 14.11
CA TYR B 79 -1.11 49.43 13.91
C TYR B 79 0.15 48.75 14.46
N ALA B 80 -0.03 47.54 14.98
CA ALA B 80 1.04 46.72 15.54
C ALA B 80 0.71 45.25 15.34
N CYS B 81 1.67 44.39 15.66
CA CYS B 81 1.53 42.91 15.71
C CYS B 81 1.84 42.44 17.13
N ARG B 82 0.98 41.61 17.71
CA ARG B 82 1.14 41.09 19.08
C ARG B 82 1.31 39.58 18.97
N VAL B 83 2.46 39.07 19.42
CA VAL B 83 2.87 37.65 19.31
C VAL B 83 3.10 37.07 20.70
N ASN B 84 2.53 35.90 20.94
CA ASN B 84 2.80 35.12 22.17
C ASN B 84 3.42 33.80 21.74
N HIS B 85 4.42 33.36 22.49
CA HIS B 85 5.21 32.13 22.21
C HIS B 85 5.86 31.72 23.52
N VAL B 86 6.24 30.46 23.66
CA VAL B 86 6.75 29.90 24.94
C VAL B 86 8.06 30.61 25.33
N THR B 87 8.81 31.16 24.38
CA THR B 87 10.11 31.87 24.64
C THR B 87 9.87 33.29 25.19
N LEU B 88 8.62 33.69 25.44
CA LEU B 88 8.23 35.10 25.74
C LEU B 88 7.48 35.17 27.07
N SER B 89 8.09 35.84 28.05
CA SER B 89 7.50 36.06 29.40
C SER B 89 6.20 36.89 29.22
N GLN B 90 6.20 37.86 28.34
CA GLN B 90 4.97 38.63 27.99
C GLN B 90 4.90 38.68 26.49
N PRO B 91 3.69 38.89 25.93
CA PRO B 91 3.54 38.97 24.47
C PRO B 91 4.43 40.11 23.93
N LYS B 92 5.10 39.86 22.80
CA LYS B 92 5.95 40.87 22.11
C LYS B 92 5.05 41.69 21.19
N ILE B 93 5.21 43.01 21.22
CA ILE B 93 4.43 43.95 20.38
C ILE B 93 5.42 44.68 19.48
N VAL B 94 5.25 44.57 18.17
CA VAL B 94 6.04 45.38 17.19
C VAL B 94 5.06 46.31 16.49
N LYS B 95 5.36 47.61 16.54
CA LYS B 95 4.51 48.69 15.97
C LYS B 95 4.82 48.75 14.47
N TRP B 96 3.79 48.95 13.64
CA TRP B 96 4.01 49.28 12.21
C TRP B 96 4.70 50.65 12.12
N ASP B 97 5.74 50.76 11.31
CA ASP B 97 6.48 52.03 11.11
C ASP B 97 6.42 52.36 9.62
N ARG B 98 5.60 53.35 9.22
CA ARG B 98 5.49 53.74 7.79
C ARG B 98 6.86 54.22 7.31
N ASP B 99 7.51 55.08 8.10
CA ASP B 99 8.85 55.68 7.81
C ASP B 99 9.91 54.57 7.86
N GLY C 3 -1.36 3.57 -14.08
CA GLY C 3 -1.99 2.29 -13.70
C GLY C 3 -2.97 1.84 -14.76
N GLN C 4 -2.49 1.25 -15.86
CA GLN C 4 -3.39 0.90 -16.98
C GLN C 4 -3.52 -0.62 -17.18
N ASN C 5 -2.42 -1.36 -17.35
CA ASN C 5 -2.57 -2.80 -17.68
C ASN C 5 -1.41 -3.69 -17.23
N ILE C 6 -1.67 -5.00 -17.14
CA ILE C 6 -0.66 -6.00 -16.69
C ILE C 6 -1.01 -7.37 -17.31
N ASP C 7 -0.04 -8.11 -17.81
CA ASP C 7 -0.33 -9.38 -18.51
C ASP C 7 0.66 -10.42 -18.05
N GLN C 8 0.18 -11.65 -17.87
CA GLN C 8 1.05 -12.79 -17.55
C GLN C 8 0.33 -14.03 -18.09
N PRO C 9 1.07 -15.06 -18.54
CA PRO C 9 0.44 -16.20 -19.20
C PRO C 9 -0.51 -16.92 -18.22
N THR C 10 -1.53 -17.57 -18.77
CA THR C 10 -2.57 -18.24 -17.96
C THR C 10 -1.93 -19.38 -17.19
N GLU C 11 -1.15 -20.19 -17.91
CA GLU C 11 -0.64 -21.49 -17.42
C GLU C 11 0.75 -21.77 -18.01
N MET C 12 1.62 -22.42 -17.23
CA MET C 12 2.96 -22.83 -17.70
C MET C 12 3.25 -24.24 -17.16
N THR C 13 4.02 -25.04 -17.90
CA THR C 13 4.40 -26.43 -17.55
C THR C 13 5.91 -26.63 -17.79
N ALA C 14 6.61 -27.13 -16.77
CA ALA C 14 8.06 -27.35 -16.70
C ALA C 14 8.32 -28.67 -15.98
N THR C 15 9.48 -29.28 -16.24
CA THR C 15 9.89 -30.58 -15.68
C THR C 15 10.64 -30.33 -14.34
N GLU C 16 10.27 -31.10 -13.33
CA GLU C 16 11.01 -31.30 -12.05
C GLU C 16 12.52 -31.24 -12.29
N GLY C 17 13.25 -30.44 -11.50
CA GLY C 17 14.72 -30.35 -11.55
C GLY C 17 15.22 -29.32 -12.55
N ALA C 18 14.33 -28.77 -13.38
CA ALA C 18 14.70 -27.80 -14.44
C ALA C 18 14.39 -26.39 -13.96
N ILE C 19 14.27 -25.46 -14.88
CA ILE C 19 14.14 -24.01 -14.60
C ILE C 19 12.83 -23.56 -15.23
N VAL C 20 12.19 -22.52 -14.69
CA VAL C 20 11.06 -21.86 -15.41
C VAL C 20 11.10 -20.37 -15.13
N GLN C 21 10.73 -19.60 -16.15
CA GLN C 21 10.67 -18.13 -16.11
C GLN C 21 9.24 -17.71 -16.41
N ILE C 22 8.58 -17.09 -15.43
CA ILE C 22 7.22 -16.54 -15.60
C ILE C 22 7.37 -15.04 -15.91
N ASN C 23 6.88 -14.62 -17.06
CA ASN C 23 6.98 -13.21 -17.53
C ASN C 23 5.72 -12.44 -17.12
N CYS C 24 5.86 -11.13 -17.00
CA CYS C 24 4.83 -10.15 -16.61
C CYS C 24 5.12 -8.86 -17.36
N THR C 25 4.19 -8.38 -18.17
CA THR C 25 4.33 -7.07 -18.85
C THR C 25 3.36 -6.12 -18.17
N TYR C 26 3.73 -4.85 -18.06
CA TYR C 26 2.86 -3.82 -17.48
C TYR C 26 3.03 -2.52 -18.26
N GLN C 27 1.97 -1.72 -18.21
CA GLN C 27 1.84 -0.40 -18.84
C GLN C 27 1.32 0.52 -17.74
N THR C 28 2.01 1.62 -17.49
CA THR C 28 1.56 2.61 -16.48
C THR C 28 2.29 3.94 -16.59
N SER C 29 1.61 5.03 -16.31
CA SER C 29 2.27 6.36 -16.22
C SER C 29 2.43 6.60 -14.73
N GLY C 30 3.52 6.13 -14.15
CA GLY C 30 3.67 6.15 -12.67
C GLY C 30 3.88 4.77 -12.08
N PHE C 31 4.92 4.58 -11.26
CA PHE C 31 5.36 3.24 -10.82
C PHE C 31 6.07 3.33 -9.47
N ASN C 32 5.66 2.50 -8.49
CA ASN C 32 6.26 2.45 -7.14
C ASN C 32 6.68 1.02 -6.78
N GLY C 33 6.84 0.15 -7.78
CA GLY C 33 7.41 -1.19 -7.57
C GLY C 33 6.50 -2.28 -8.09
N LEU C 34 7.10 -3.43 -8.41
CA LEU C 34 6.40 -4.60 -8.95
C LEU C 34 6.67 -5.78 -8.01
N PHE C 35 5.60 -6.48 -7.64
CA PHE C 35 5.64 -7.63 -6.70
C PHE C 35 5.35 -8.95 -7.42
N TRP C 36 5.96 -10.01 -6.92
CA TRP C 36 5.53 -11.41 -7.21
C TRP C 36 5.04 -12.01 -5.89
N TYR C 37 3.94 -12.75 -5.97
CA TYR C 37 3.31 -13.50 -4.86
C TYR C 37 3.11 -14.93 -5.33
N GLN C 38 3.28 -15.90 -4.44
CA GLN C 38 3.01 -17.33 -4.71
C GLN C 38 1.71 -17.69 -4.00
N GLN C 39 0.77 -18.34 -4.72
CA GLN C 39 -0.49 -18.84 -4.13
C GLN C 39 -0.64 -20.34 -4.40
N HIS C 40 -0.39 -21.18 -3.41
CA HIS C 40 -0.78 -22.62 -3.45
C HIS C 40 -2.30 -22.77 -3.53
N ALA C 41 -2.78 -23.79 -4.23
CA ALA C 41 -4.23 -24.10 -4.35
C ALA C 41 -4.78 -24.17 -2.92
N GLY C 42 -5.91 -23.52 -2.67
CA GLY C 42 -6.63 -23.54 -1.36
C GLY C 42 -5.90 -22.75 -0.30
N GLU C 43 -4.98 -21.85 -0.68
CA GLU C 43 -4.11 -21.11 0.25
C GLU C 43 -4.15 -19.63 -0.12
N ALA C 44 -3.60 -18.81 0.75
CA ALA C 44 -3.43 -17.35 0.60
C ALA C 44 -2.20 -17.05 -0.25
N PRO C 45 -2.22 -15.93 -1.02
CA PRO C 45 -1.02 -15.43 -1.65
C PRO C 45 0.03 -15.15 -0.57
N THR C 46 1.28 -15.47 -0.87
CA THR C 46 2.46 -15.18 -0.02
C THR C 46 3.48 -14.40 -0.86
N PHE C 47 4.04 -13.34 -0.27
CA PHE C 47 5.02 -12.44 -0.92
C PHE C 47 6.31 -13.20 -1.27
N LEU C 48 6.81 -13.05 -2.49
CA LEU C 48 8.08 -13.61 -2.99
C LEU C 48 9.12 -12.53 -3.20
N SER C 49 8.74 -11.41 -3.80
CA SER C 49 9.73 -10.47 -4.36
C SER C 49 9.14 -9.08 -4.63
N TYR C 50 10.05 -8.12 -4.68
CA TYR C 50 9.82 -6.69 -4.98
C TYR C 50 10.99 -6.16 -5.83
N ASN C 51 10.71 -5.65 -7.03
CA ASN C 51 11.68 -4.90 -7.85
C ASN C 51 11.10 -3.51 -8.10
N VAL C 52 11.93 -2.45 -8.00
CA VAL C 52 11.53 -1.05 -8.34
C VAL C 52 12.60 -0.42 -9.25
N LEU C 53 13.88 -0.74 -9.07
CA LEU C 53 14.91 -0.34 -10.07
C LEU C 53 15.14 -1.48 -11.07
N ASP C 54 15.74 -1.16 -12.21
CA ASP C 54 16.27 -2.16 -13.18
C ASP C 54 17.25 -3.09 -12.47
N GLY C 55 17.17 -4.39 -12.76
CA GLY C 55 18.14 -5.39 -12.30
C GLY C 55 17.49 -6.64 -11.70
N LEU C 56 18.32 -7.48 -11.10
CA LEU C 56 18.03 -8.89 -10.77
C LEU C 56 18.25 -9.10 -9.28
N GLU C 57 17.21 -9.50 -8.54
CA GLU C 57 17.32 -9.86 -7.11
C GLU C 57 17.21 -11.38 -7.03
N GLU C 58 18.01 -12.02 -6.18
CA GLU C 58 18.12 -13.49 -5.99
C GLU C 58 17.92 -13.84 -4.51
N LYS C 59 17.26 -14.96 -4.25
CA LYS C 59 16.96 -15.44 -2.88
C LYS C 59 16.65 -16.94 -2.98
N GLY C 60 17.58 -17.77 -2.51
CA GLY C 60 17.50 -19.23 -2.68
C GLY C 60 17.34 -19.59 -4.14
N ARG C 61 16.33 -20.40 -4.43
CA ARG C 61 16.10 -20.93 -5.81
C ARG C 61 15.40 -19.87 -6.69
N PHE C 62 15.02 -18.70 -6.14
CA PHE C 62 14.13 -17.75 -6.83
C PHE C 62 14.87 -16.47 -7.18
N SER C 63 14.56 -15.91 -8.36
CA SER C 63 15.11 -14.62 -8.86
C SER C 63 13.98 -13.79 -9.45
N SER C 64 14.10 -12.48 -9.34
CA SER C 64 13.16 -11.52 -9.94
C SER C 64 13.95 -10.45 -10.67
N PHE C 65 13.57 -10.22 -11.92
CA PHE C 65 14.15 -9.25 -12.85
C PHE C 65 13.09 -8.21 -13.21
N LEU C 66 13.52 -6.95 -13.36
CA LEU C 66 12.67 -5.83 -13.80
C LEU C 66 13.43 -5.02 -14.86
N SER C 67 12.73 -4.68 -15.94
CA SER C 67 13.12 -3.70 -16.97
C SER C 67 12.05 -2.62 -17.02
N ARG C 68 12.38 -1.47 -16.45
CA ARG C 68 11.56 -0.24 -16.44
C ARG C 68 11.28 0.21 -17.88
N SER C 69 12.26 0.18 -18.78
CA SER C 69 12.09 0.76 -20.13
C SER C 69 11.11 -0.12 -20.92
N LYS C 70 11.27 -1.44 -20.84
CA LYS C 70 10.43 -2.40 -21.58
C LYS C 70 9.10 -2.65 -20.84
N GLY C 71 8.97 -2.18 -19.60
CA GLY C 71 7.85 -2.53 -18.70
C GLY C 71 7.67 -4.04 -18.60
N TYR C 72 8.62 -4.70 -17.95
CA TYR C 72 8.81 -6.16 -18.06
C TYR C 72 9.50 -6.68 -16.80
N SER C 73 8.89 -7.67 -16.15
CA SER C 73 9.49 -8.42 -15.03
C SER C 73 9.45 -9.91 -15.36
N TYR C 74 10.39 -10.68 -14.81
CA TYR C 74 10.22 -12.14 -14.73
C TYR C 74 10.51 -12.61 -13.33
N LEU C 75 9.84 -13.70 -12.98
CA LEU C 75 10.17 -14.58 -11.84
C LEU C 75 10.83 -15.83 -12.42
N LEU C 76 12.04 -16.15 -11.95
CA LEU C 76 12.84 -17.33 -12.34
C LEU C 76 12.83 -18.32 -11.18
N LEU C 77 12.39 -19.56 -11.40
CA LEU C 77 12.46 -20.66 -10.40
C LEU C 77 13.46 -21.71 -10.90
N LYS C 78 14.51 -22.01 -10.12
CA LYS C 78 15.56 -22.98 -10.49
C LYS C 78 15.37 -24.27 -9.67
N GLU C 79 15.99 -25.35 -10.12
CA GLU C 79 15.88 -26.69 -9.48
C GLU C 79 14.43 -26.89 -9.04
N LEU C 80 13.51 -26.88 -10.01
CA LEU C 80 12.05 -27.02 -9.81
C LEU C 80 11.72 -28.28 -9.01
N GLN C 81 10.85 -28.13 -8.01
CA GLN C 81 10.30 -29.21 -7.15
C GLN C 81 8.79 -29.30 -7.42
N MET C 82 8.17 -30.43 -7.09
CA MET C 82 6.70 -30.60 -7.21
C MET C 82 5.95 -29.53 -6.39
N LYS C 83 6.44 -29.18 -5.20
CA LYS C 83 5.81 -28.18 -4.30
C LYS C 83 5.80 -26.78 -4.91
N ASP C 84 6.52 -26.52 -6.01
CA ASP C 84 6.52 -25.19 -6.70
C ASP C 84 5.25 -25.05 -7.57
N SER C 85 4.47 -26.12 -7.73
CA SER C 85 3.11 -26.07 -8.33
C SER C 85 2.24 -25.12 -7.51
N ALA C 86 1.79 -24.06 -8.13
CA ALA C 86 1.12 -22.93 -7.47
C ALA C 86 0.71 -21.94 -8.55
N SER C 87 -0.07 -20.91 -8.22
CA SER C 87 -0.22 -19.71 -9.06
C SER C 87 0.88 -18.72 -8.64
N TYR C 88 1.40 -17.98 -9.60
CA TYR C 88 2.32 -16.86 -9.37
C TYR C 88 1.65 -15.59 -9.87
N LEU C 89 1.44 -14.63 -8.96
CA LEU C 89 0.74 -13.34 -9.23
C LEU C 89 1.78 -12.23 -9.31
N CYS C 90 1.84 -11.47 -10.42
CA CYS C 90 2.56 -10.18 -10.44
C CYS C 90 1.52 -9.08 -10.18
N ALA C 91 1.98 -8.02 -9.55
CA ALA C 91 1.21 -6.78 -9.27
C ALA C 91 2.19 -5.62 -9.24
N PHE C 92 1.70 -4.42 -9.54
CA PHE C 92 2.55 -3.21 -9.47
C PHE C 92 1.77 -2.05 -8.82
N LEU C 93 2.48 -1.20 -8.09
CA LEU C 93 1.91 0.03 -7.51
C LEU C 93 2.03 1.13 -8.56
N ASP C 94 0.97 1.90 -8.70
CA ASP C 94 0.99 3.07 -9.60
C ASP C 94 1.48 4.28 -8.81
N SER C 95 1.26 5.48 -9.33
CA SER C 95 1.74 6.72 -8.65
C SER C 95 0.94 7.05 -7.38
N ASN C 96 -0.29 6.56 -7.28
CA ASN C 96 -1.18 6.76 -6.10
C ASN C 96 -1.27 5.49 -5.25
N TYR C 97 -0.37 4.54 -5.47
CA TYR C 97 -0.26 3.34 -4.60
C TYR C 97 -1.47 2.42 -4.83
N GLN C 98 -2.14 2.51 -5.98
CA GLN C 98 -3.12 1.48 -6.40
C GLN C 98 -2.32 0.20 -6.70
N LEU C 99 -2.67 -0.90 -6.02
CA LEU C 99 -2.08 -2.22 -6.29
C LEU C 99 -2.90 -2.85 -7.42
N ILE C 100 -2.23 -3.01 -8.57
CA ILE C 100 -2.87 -3.60 -9.78
C ILE C 100 -2.39 -5.05 -9.93
N TRP C 101 -3.30 -6.00 -9.87
CA TRP C 101 -3.03 -7.45 -9.89
C TRP C 101 -3.15 -8.01 -11.30
N GLY C 102 -2.15 -8.75 -11.75
CA GLY C 102 -2.29 -9.66 -12.89
C GLY C 102 -3.24 -10.78 -12.53
N ALA C 103 -3.77 -11.46 -13.55
CA ALA C 103 -4.74 -12.58 -13.48
C ALA C 103 -4.06 -13.86 -12.98
N GLY C 104 -2.76 -13.86 -12.78
CA GLY C 104 -2.07 -15.04 -12.23
C GLY C 104 -1.66 -16.03 -13.31
N THR C 105 -0.56 -16.73 -13.06
CA THR C 105 -0.04 -17.82 -13.92
C THR C 105 0.00 -19.09 -13.09
N LYS C 106 -0.65 -20.13 -13.58
CA LYS C 106 -0.59 -21.45 -12.91
C LYS C 106 0.65 -22.20 -13.41
N LEU C 107 1.52 -22.60 -12.51
CA LEU C 107 2.73 -23.41 -12.82
C LEU C 107 2.42 -24.86 -12.46
N ILE C 108 2.47 -25.72 -13.47
CA ILE C 108 2.37 -27.20 -13.36
C ILE C 108 3.77 -27.76 -13.51
N ILE C 109 4.25 -28.49 -12.51
CA ILE C 109 5.56 -29.19 -12.53
C ILE C 109 5.27 -30.64 -12.90
N LYS C 110 5.81 -31.10 -14.02
CA LYS C 110 5.67 -32.49 -14.51
C LYS C 110 6.86 -33.28 -13.98
N PRO C 111 6.62 -34.43 -13.32
CA PRO C 111 7.70 -35.28 -12.85
C PRO C 111 8.38 -36.00 -13.99
N ASP C 112 9.71 -36.09 -13.97
CA ASP C 112 10.49 -36.90 -14.94
C ASP C 112 10.13 -38.39 -14.69
N ILE C 113 9.18 -38.95 -15.45
CA ILE C 113 8.70 -40.37 -15.30
C ILE C 113 9.44 -41.28 -16.27
N GLN C 114 10.18 -42.25 -15.75
CA GLN C 114 11.13 -43.10 -16.52
C GLN C 114 10.62 -44.54 -16.47
N ASN C 115 9.32 -44.73 -16.30
CA ASN C 115 8.71 -46.07 -16.35
C ASN C 115 7.25 -45.98 -16.78
N PRO C 116 6.90 -45.28 -17.89
CA PRO C 116 5.53 -45.30 -18.39
C PRO C 116 4.93 -46.73 -18.40
N ASP C 117 3.90 -46.98 -17.60
CA ASP C 117 3.20 -48.28 -17.50
C ASP C 117 1.68 -48.06 -17.50
N PRO C 118 1.12 -47.40 -18.54
CA PRO C 118 -0.32 -47.13 -18.57
C PRO C 118 -1.10 -48.41 -18.25
N ALA C 119 -1.92 -48.33 -17.21
CA ALA C 119 -2.79 -49.42 -16.71
C ALA C 119 -4.09 -48.82 -16.16
N VAL C 120 -5.21 -49.51 -16.40
CA VAL C 120 -6.57 -49.16 -15.88
C VAL C 120 -7.00 -50.31 -14.96
N TYR C 121 -7.17 -50.06 -13.65
CA TYR C 121 -7.56 -51.10 -12.67
C TYR C 121 -8.95 -50.82 -12.10
N GLN C 122 -9.53 -51.81 -11.43
CA GLN C 122 -10.84 -51.68 -10.75
C GLN C 122 -10.68 -51.98 -9.26
N LEU C 123 -10.97 -51.01 -8.40
CA LEU C 123 -10.99 -51.16 -6.92
C LEU C 123 -12.42 -51.47 -6.48
N ARG C 124 -12.62 -52.41 -5.55
CA ARG C 124 -13.95 -52.73 -4.99
C ARG C 124 -14.19 -51.86 -3.76
N ASP C 125 -15.46 -51.60 -3.40
CA ASP C 125 -15.77 -50.89 -2.13
C ASP C 125 -15.19 -51.75 -0.99
N SER C 126 -14.71 -51.12 0.09
CA SER C 126 -14.29 -51.84 1.33
C SER C 126 -15.54 -52.27 2.13
N LYS C 127 -16.76 -51.97 1.64
CA LYS C 127 -18.03 -52.68 1.98
C LYS C 127 -18.84 -52.92 0.69
N LYS C 131 -21.02 -51.53 -5.69
CA LYS C 131 -20.52 -50.18 -6.09
C LYS C 131 -18.98 -50.20 -6.14
N SER C 132 -18.41 -49.62 -7.20
CA SER C 132 -16.98 -49.78 -7.60
C SER C 132 -16.53 -48.64 -8.49
N VAL C 133 -15.21 -48.39 -8.51
CA VAL C 133 -14.54 -47.27 -9.22
C VAL C 133 -13.35 -47.82 -10.02
N CYS C 134 -12.86 -47.00 -10.95
CA CYS C 134 -11.74 -47.37 -11.84
C CYS C 134 -10.58 -46.39 -11.66
N LEU C 135 -9.36 -46.84 -11.89
CA LEU C 135 -8.12 -46.07 -11.67
C LEU C 135 -7.22 -46.24 -12.90
N PHE C 136 -7.10 -45.19 -13.70
CA PHE C 136 -6.08 -45.06 -14.79
C PHE C 136 -4.85 -44.41 -14.15
N THR C 137 -3.69 -45.07 -14.21
CA THR C 137 -2.49 -44.74 -13.38
C THR C 137 -1.21 -45.09 -14.15
N ASP C 138 -0.09 -44.55 -13.65
CA ASP C 138 1.30 -44.87 -14.06
C ASP C 138 1.57 -44.43 -15.52
N PHE C 139 0.74 -43.57 -16.10
CA PHE C 139 0.90 -43.11 -17.50
C PHE C 139 1.92 -41.97 -17.54
N ASP C 140 2.35 -41.62 -18.77
CA ASP C 140 3.35 -40.56 -19.07
C ASP C 140 2.73 -39.18 -18.81
N SER C 141 3.56 -38.21 -18.43
CA SER C 141 3.13 -36.84 -18.03
C SER C 141 2.58 -36.07 -19.25
N GLN C 142 2.90 -36.51 -20.47
CA GLN C 142 2.40 -35.91 -21.74
C GLN C 142 1.10 -36.58 -22.19
N THR C 143 0.47 -37.45 -21.39
CA THR C 143 -0.92 -37.95 -21.64
C THR C 143 -1.89 -36.90 -21.10
N ASN C 144 -3.03 -36.74 -21.80
CA ASN C 144 -4.13 -35.89 -21.29
C ASN C 144 -5.22 -36.83 -20.79
N VAL C 145 -6.00 -36.45 -19.79
CA VAL C 145 -6.96 -37.41 -19.17
C VAL C 145 -8.35 -37.27 -19.81
N SER C 146 -8.41 -36.67 -21.00
CA SER C 146 -9.72 -36.58 -21.69
C SER C 146 -10.78 -36.11 -20.70
N GLN C 147 -12.03 -36.52 -20.92
CA GLN C 147 -13.11 -36.17 -19.96
C GLN C 147 -14.20 -37.23 -20.10
N SER C 148 -15.47 -36.81 -20.08
CA SER C 148 -16.57 -37.80 -20.11
C SER C 148 -17.64 -37.35 -21.08
N LYS C 149 -18.19 -38.28 -21.84
CA LYS C 149 -19.33 -37.94 -22.73
C LYS C 149 -20.58 -38.52 -22.09
N ASP C 150 -20.58 -39.82 -21.78
CA ASP C 150 -21.76 -40.34 -21.03
C ASP C 150 -21.79 -39.59 -19.69
N SER C 151 -22.89 -38.91 -19.38
CA SER C 151 -23.01 -37.95 -18.24
C SER C 151 -23.43 -38.67 -16.96
N ASP C 152 -23.72 -39.97 -17.03
CA ASP C 152 -23.90 -40.84 -15.84
C ASP C 152 -22.57 -41.52 -15.49
N VAL C 153 -21.44 -41.01 -15.99
CA VAL C 153 -20.07 -41.54 -15.76
C VAL C 153 -19.16 -40.36 -15.46
N TYR C 154 -18.55 -40.33 -14.27
CA TYR C 154 -17.67 -39.23 -13.80
C TYR C 154 -16.22 -39.67 -14.00
N ILE C 155 -15.42 -38.76 -14.54
CA ILE C 155 -13.97 -39.00 -14.73
C ILE C 155 -13.25 -37.77 -14.19
N THR C 156 -12.45 -37.93 -13.14
CA THR C 156 -11.73 -36.82 -12.49
C THR C 156 -10.70 -36.29 -13.48
N ASP C 157 -10.02 -35.21 -13.09
CA ASP C 157 -8.86 -34.66 -13.80
C ASP C 157 -7.67 -35.56 -13.46
N LYS C 158 -6.58 -35.40 -14.22
CA LYS C 158 -5.27 -36.02 -13.94
C LYS C 158 -4.79 -35.49 -12.59
N CYS C 159 -3.99 -36.27 -11.88
CA CYS C 159 -3.53 -36.02 -10.49
C CYS C 159 -2.12 -36.61 -10.34
N VAL C 160 -1.20 -35.87 -9.72
CA VAL C 160 0.21 -36.29 -9.50
C VAL C 160 0.42 -36.55 -8.01
N LEU C 161 0.69 -37.78 -7.62
CA LEU C 161 1.10 -38.08 -6.22
C LEU C 161 2.60 -38.40 -6.21
N ASP C 162 3.21 -38.24 -5.04
CA ASP C 162 4.67 -38.33 -4.84
C ASP C 162 4.92 -39.16 -3.59
N MET C 163 5.32 -40.43 -3.75
CA MET C 163 5.63 -41.31 -2.60
C MET C 163 7.06 -40.95 -2.20
N ARG C 164 7.21 -39.93 -1.36
CA ARG C 164 8.52 -39.24 -1.14
C ARG C 164 9.54 -40.24 -0.60
N SER C 165 9.19 -41.14 0.33
CA SER C 165 10.17 -42.08 0.93
C SER C 165 10.81 -42.96 -0.16
N MET C 166 10.17 -43.09 -1.34
CA MET C 166 10.58 -44.01 -2.42
C MET C 166 11.10 -43.24 -3.64
N ASP C 167 11.19 -41.91 -3.57
CA ASP C 167 11.61 -41.06 -4.71
C ASP C 167 10.77 -41.42 -5.96
N PHE C 168 9.47 -41.68 -5.80
CA PHE C 168 8.57 -42.22 -6.86
C PHE C 168 7.34 -41.31 -7.01
N LYS C 169 6.99 -41.03 -8.26
CA LYS C 169 5.92 -40.08 -8.64
C LYS C 169 5.06 -40.86 -9.64
N SER C 170 3.76 -40.58 -9.69
CA SER C 170 2.74 -41.38 -10.43
C SER C 170 1.58 -40.45 -10.78
N ASN C 171 1.14 -40.49 -12.03
CA ASN C 171 -0.09 -39.81 -12.51
C ASN C 171 -1.25 -40.79 -12.43
N SER C 172 -2.35 -40.35 -11.84
CA SER C 172 -3.54 -41.14 -11.47
C SER C 172 -4.76 -40.40 -12.00
N ALA C 173 -5.83 -41.12 -12.33
CA ALA C 173 -7.15 -40.54 -12.64
C ALA C 173 -8.22 -41.58 -12.28
N VAL C 174 -9.42 -41.13 -11.91
CA VAL C 174 -10.44 -42.01 -11.30
C VAL C 174 -11.74 -41.84 -12.11
N ALA C 175 -12.53 -42.90 -12.22
CA ALA C 175 -13.89 -42.84 -12.80
C ALA C 175 -14.82 -43.77 -12.02
N TRP C 176 -16.13 -43.48 -12.06
CA TRP C 176 -17.18 -44.30 -11.38
C TRP C 176 -18.53 -44.10 -12.05
N SER C 177 -19.48 -44.98 -11.72
CA SER C 177 -20.86 -45.00 -12.27
C SER C 177 -21.65 -46.07 -11.51
N ASN C 178 -22.85 -46.47 -12.00
CA ASN C 178 -23.85 -47.24 -11.20
C ASN C 178 -24.90 -47.85 -12.14
N ASP C 181 -24.46 -51.47 -16.47
CA ASP C 181 -23.79 -51.75 -17.77
C ASP C 181 -22.30 -51.37 -17.70
N PHE C 182 -21.93 -50.55 -16.72
CA PHE C 182 -20.56 -49.96 -16.62
C PHE C 182 -19.44 -50.99 -16.57
N ALA C 183 -18.26 -50.56 -17.05
CA ALA C 183 -17.07 -51.45 -17.05
C ALA C 183 -15.84 -50.56 -17.06
N CYS C 184 -14.88 -50.83 -16.18
CA CYS C 184 -13.68 -49.97 -16.08
C CYS C 184 -12.99 -49.95 -17.44
N ALA C 185 -12.96 -51.09 -18.12
CA ALA C 185 -12.40 -51.10 -19.48
C ALA C 185 -13.15 -50.09 -20.34
N ASN C 186 -12.46 -49.41 -21.25
CA ASN C 186 -13.10 -48.38 -22.10
C ASN C 186 -13.47 -47.17 -21.24
N ALA C 187 -13.64 -47.37 -19.93
CA ALA C 187 -14.04 -46.27 -19.01
C ALA C 187 -13.26 -45.02 -19.40
N PHE C 188 -11.96 -45.18 -19.63
CA PHE C 188 -11.12 -44.02 -20.02
C PHE C 188 -10.92 -44.08 -21.54
N ASN C 189 -10.88 -42.91 -22.20
CA ASN C 189 -10.70 -42.86 -23.67
C ASN C 189 -11.69 -43.81 -24.33
N ALA D 2 2.17 -13.71 14.91
CA ALA D 2 1.54 -14.94 14.30
C ALA D 2 0.65 -14.57 13.10
N GLY D 3 0.84 -13.39 12.47
CA GLY D 3 0.31 -13.05 11.13
C GLY D 3 -1.09 -12.45 11.13
N VAL D 4 -1.86 -12.75 10.08
CA VAL D 4 -3.26 -12.30 9.86
C VAL D 4 -4.22 -13.47 10.15
N THR D 5 -5.12 -13.32 11.12
CA THR D 5 -6.18 -14.30 11.44
C THR D 5 -7.54 -13.85 10.86
N GLN D 6 -8.09 -14.67 9.97
CA GLN D 6 -9.35 -14.41 9.24
C GLN D 6 -10.31 -15.56 9.54
N THR D 7 -11.51 -15.28 10.05
CA THR D 7 -12.55 -16.30 10.35
C THR D 7 -13.86 -15.85 9.73
N PRO D 8 -14.77 -16.76 9.35
CA PRO D 8 -14.50 -18.20 9.38
C PRO D 8 -13.73 -18.63 8.12
N LYS D 9 -13.41 -19.91 7.98
CA LYS D 9 -12.74 -20.43 6.76
C LYS D 9 -13.78 -20.83 5.70
N PHE D 10 -14.98 -21.20 6.13
CA PHE D 10 -16.07 -21.60 5.20
C PHE D 10 -17.36 -21.04 5.76
N GLN D 11 -18.30 -20.69 4.90
CA GLN D 11 -19.62 -20.16 5.28
C GLN D 11 -20.61 -20.43 4.16
N VAL D 12 -21.73 -21.09 4.49
CA VAL D 12 -22.94 -21.08 3.62
C VAL D 12 -23.95 -20.07 4.20
N LEU D 13 -24.55 -19.26 3.35
CA LEU D 13 -25.61 -18.29 3.75
C LEU D 13 -26.81 -18.48 2.83
N LYS D 14 -27.98 -18.11 3.33
CA LYS D 14 -29.22 -18.01 2.54
C LYS D 14 -29.26 -16.60 1.96
N THR D 15 -29.75 -16.45 0.72
CA THR D 15 -30.01 -15.13 0.11
C THR D 15 -30.69 -14.30 1.21
N GLY D 16 -30.20 -13.07 1.42
CA GLY D 16 -30.80 -12.06 2.30
C GLY D 16 -30.21 -12.05 3.70
N GLN D 17 -29.49 -13.09 4.10
CA GLN D 17 -28.85 -13.13 5.44
C GLN D 17 -27.69 -12.13 5.53
N SER D 18 -27.38 -11.66 6.73
CA SER D 18 -26.19 -10.83 6.95
C SER D 18 -25.12 -11.72 7.58
N MET D 19 -23.87 -11.30 7.42
CA MET D 19 -22.66 -12.05 7.77
C MET D 19 -21.53 -11.06 8.01
N THR D 20 -20.75 -11.28 9.07
CA THR D 20 -19.50 -10.55 9.35
C THR D 20 -18.31 -11.50 9.32
N LEU D 21 -17.35 -11.25 8.42
CA LEU D 21 -16.04 -11.93 8.38
C LEU D 21 -15.10 -11.16 9.30
N GLN D 22 -14.40 -11.85 10.20
CA GLN D 22 -13.45 -11.20 11.12
C GLN D 22 -12.05 -11.29 10.50
N CYS D 23 -11.27 -10.25 10.70
CA CYS D 23 -9.83 -10.23 10.34
C CYS D 23 -9.08 -9.45 11.41
N ALA D 24 -8.08 -10.08 11.99
CA ALA D 24 -7.16 -9.48 12.99
C ALA D 24 -5.69 -9.67 12.58
N GLN D 25 -4.86 -8.67 12.86
CA GLN D 25 -3.40 -8.81 12.75
C GLN D 25 -2.76 -8.13 13.95
N ASP D 26 -1.76 -8.77 14.54
CA ASP D 26 -1.06 -8.20 15.71
C ASP D 26 0.32 -7.73 15.26
N MET D 27 0.47 -7.24 14.04
CA MET D 27 1.80 -6.79 13.53
C MET D 27 1.88 -5.27 13.56
N ASN D 28 0.85 -4.60 14.05
CA ASN D 28 0.73 -3.12 14.05
C ASN D 28 0.73 -2.55 12.63
N HIS D 29 0.26 -3.31 11.64
CA HIS D 29 0.18 -2.78 10.25
C HIS D 29 -0.93 -1.72 10.20
N ASN D 30 -0.68 -0.65 9.48
CA ASN D 30 -1.65 0.45 9.29
C ASN D 30 -2.70 0.09 8.24
N TYR D 31 -2.31 -0.59 7.16
CA TYR D 31 -3.20 -0.87 6.00
C TYR D 31 -3.84 -2.23 6.19
N MET D 32 -5.16 -2.30 6.07
CA MET D 32 -5.88 -3.59 5.96
C MET D 32 -6.77 -3.52 4.74
N TYR D 33 -7.02 -4.68 4.15
CA TYR D 33 -7.64 -4.87 2.81
C TYR D 33 -8.63 -6.03 2.92
N TRP D 34 -9.71 -5.96 2.15
CA TRP D 34 -10.56 -7.10 1.75
C TRP D 34 -10.55 -7.21 0.22
N TYR D 35 -10.27 -8.42 -0.26
CA TYR D 35 -10.30 -8.79 -1.69
C TYR D 35 -11.25 -9.96 -1.82
N ARG D 36 -11.87 -10.07 -2.99
CA ARG D 36 -12.52 -11.33 -3.42
C ARG D 36 -11.73 -11.84 -4.63
N GLN D 37 -11.68 -13.16 -4.76
CA GLN D 37 -10.99 -13.86 -5.86
C GLN D 37 -12.01 -14.75 -6.57
N ASP D 38 -12.13 -14.60 -7.88
CA ASP D 38 -13.11 -15.31 -8.72
C ASP D 38 -12.39 -15.82 -9.95
N PRO D 39 -12.65 -17.07 -10.38
CA PRO D 39 -11.97 -17.68 -11.52
C PRO D 39 -11.91 -16.75 -12.74
N GLY D 40 -10.70 -16.51 -13.27
CA GLY D 40 -10.40 -15.59 -14.38
C GLY D 40 -10.25 -14.13 -13.94
N MET D 41 -11.08 -13.68 -12.99
CA MET D 41 -11.29 -12.25 -12.62
C MET D 41 -10.11 -11.60 -11.89
N GLY D 42 -9.05 -12.33 -11.50
CA GLY D 42 -7.96 -11.77 -10.65
C GLY D 42 -8.46 -11.33 -9.27
N LEU D 43 -7.60 -10.65 -8.49
CA LEU D 43 -7.93 -10.16 -7.12
C LEU D 43 -8.62 -8.79 -7.24
N ARG D 44 -9.87 -8.69 -6.76
CA ARG D 44 -10.61 -7.40 -6.71
C ARG D 44 -10.74 -6.86 -5.27
N LEU D 45 -10.28 -5.63 -5.07
CA LEU D 45 -10.36 -4.89 -3.79
C LEU D 45 -11.82 -4.44 -3.53
N ILE D 46 -12.36 -4.82 -2.37
CA ILE D 46 -13.76 -4.50 -1.94
C ILE D 46 -13.70 -3.19 -1.16
N TYR D 47 -12.83 -3.15 -0.15
CA TYR D 47 -12.59 -2.01 0.77
C TYR D 47 -11.16 -2.15 1.28
N TYR D 48 -10.60 -1.02 1.69
CA TYR D 48 -9.34 -0.95 2.43
C TYR D 48 -9.47 0.10 3.52
N SER D 49 -8.51 0.07 4.44
CA SER D 49 -8.33 1.04 5.54
C SER D 49 -6.84 1.37 5.68
N ALA D 50 -6.50 2.64 5.47
CA ALA D 50 -5.15 3.20 5.57
C ALA D 50 -4.73 3.32 7.05
N SER D 51 -5.69 3.25 7.97
CA SER D 51 -5.42 3.36 9.43
C SER D 51 -6.70 3.20 10.25
N GLU D 52 -6.60 2.90 11.55
CA GLU D 52 -7.77 2.97 12.46
C GLU D 52 -8.41 4.33 12.29
N GLY D 53 -9.74 4.40 12.31
CA GLY D 53 -10.43 5.70 12.22
C GLY D 53 -10.88 6.01 10.81
N THR D 54 -10.43 5.25 9.79
CA THR D 54 -10.83 5.52 8.39
C THR D 54 -10.96 4.22 7.60
N THR D 55 -11.76 4.28 6.53
CA THR D 55 -11.95 3.22 5.51
C THR D 55 -12.29 3.89 4.18
N ASP D 56 -12.21 3.14 3.08
CA ASP D 56 -12.51 3.68 1.74
C ASP D 56 -12.76 2.51 0.80
N LYS D 57 -13.61 2.74 -0.21
CA LYS D 57 -14.09 1.73 -1.18
C LYS D 57 -12.92 1.27 -2.04
N GLY D 58 -12.95 0.00 -2.47
CA GLY D 58 -12.11 -0.50 -3.56
C GLY D 58 -12.82 -0.39 -4.90
N GLU D 59 -12.57 -1.39 -5.75
N GLU D 59 -12.60 -1.36 -5.78
CA GLU D 59 -13.13 -1.53 -7.12
CA GLU D 59 -13.22 -1.39 -7.15
C GLU D 59 -14.61 -1.93 -7.03
C GLU D 59 -14.64 -1.95 -7.06
N VAL D 60 -14.98 -2.75 -6.04
CA VAL D 60 -16.32 -3.41 -5.97
C VAL D 60 -16.85 -3.35 -4.54
N PRO D 61 -17.15 -2.16 -3.98
CA PRO D 61 -17.73 -2.03 -2.63
C PRO D 61 -19.23 -2.40 -2.47
N ASN D 62 -20.00 -2.44 -3.56
CA ASN D 62 -21.48 -2.62 -3.52
C ASN D 62 -21.86 -3.94 -2.80
N GLY D 63 -22.79 -3.86 -1.83
CA GLY D 63 -23.31 -5.00 -1.04
C GLY D 63 -22.46 -5.30 0.19
N TYR D 64 -21.35 -4.60 0.37
CA TYR D 64 -20.40 -4.88 1.47
C TYR D 64 -20.27 -3.62 2.32
N ASN D 65 -19.82 -3.84 3.56
CA ASN D 65 -19.46 -2.78 4.52
C ASN D 65 -18.30 -3.26 5.37
N VAL D 66 -17.54 -2.32 5.91
CA VAL D 66 -16.37 -2.57 6.78
C VAL D 66 -16.35 -1.53 7.89
N SER D 67 -15.56 -1.77 8.93
CA SER D 67 -15.19 -0.75 9.93
C SER D 67 -13.75 -0.99 10.40
N ARG D 68 -13.11 0.06 10.89
CA ARG D 68 -11.73 0.03 11.39
C ARG D 68 -11.74 0.82 12.70
N SER D 69 -12.14 0.18 13.77
CA SER D 69 -12.21 0.80 15.11
C SER D 69 -10.82 0.75 15.71
N THR D 70 -10.03 -0.25 15.34
CA THR D 70 -8.69 -0.51 15.93
C THR D 70 -7.68 -0.75 14.82
N THR D 71 -6.40 -0.60 15.13
CA THR D 71 -5.27 -1.03 14.25
C THR D 71 -5.44 -2.53 13.89
N GLU D 72 -5.83 -3.37 14.86
CA GLU D 72 -5.78 -4.85 14.79
C GLU D 72 -6.85 -5.42 13.85
N ASP D 73 -8.06 -4.87 13.86
CA ASP D 73 -9.29 -5.54 13.33
C ASP D 73 -9.86 -4.76 12.15
N PHE D 74 -10.28 -5.47 11.12
CA PHE D 74 -10.96 -4.91 9.92
C PHE D 74 -12.08 -5.86 9.52
N PRO D 75 -13.25 -5.83 10.22
CA PRO D 75 -14.38 -6.69 9.86
C PRO D 75 -15.04 -6.33 8.53
N LEU D 76 -15.45 -7.35 7.76
CA LEU D 76 -16.18 -7.21 6.46
C LEU D 76 -17.61 -7.72 6.63
N ARG D 77 -18.60 -6.91 6.29
CA ARG D 77 -20.03 -7.25 6.51
C ARG D 77 -20.70 -7.37 5.13
N LEU D 78 -21.30 -8.51 4.85
CA LEU D 78 -22.34 -8.66 3.80
C LEU D 78 -23.67 -8.32 4.48
N LEU D 79 -24.30 -7.19 4.16
CA LEU D 79 -25.55 -6.80 4.87
C LEU D 79 -26.72 -7.62 4.32
N SER D 80 -26.69 -8.01 3.04
CA SER D 80 -27.81 -8.76 2.40
C SER D 80 -27.27 -9.79 1.41
N ALA D 81 -26.90 -10.98 1.88
CA ALA D 81 -26.18 -12.00 1.07
C ALA D 81 -26.90 -12.19 -0.26
N ALA D 82 -26.18 -12.05 -1.37
CA ALA D 82 -26.69 -12.36 -2.73
C ALA D 82 -25.83 -13.47 -3.34
N PRO D 83 -26.40 -14.29 -4.26
CA PRO D 83 -25.64 -15.34 -4.96
C PRO D 83 -24.34 -14.85 -5.64
N SER D 84 -24.31 -13.62 -6.15
CA SER D 84 -23.10 -13.01 -6.79
C SER D 84 -21.95 -12.82 -5.78
N GLN D 85 -22.19 -12.95 -4.47
CA GLN D 85 -21.15 -12.77 -3.44
C GLN D 85 -20.56 -14.13 -3.07
N THR D 86 -21.08 -15.22 -3.65
CA THR D 86 -20.38 -16.52 -3.62
C THR D 86 -18.97 -16.30 -4.16
N SER D 87 -17.94 -16.48 -3.34
CA SER D 87 -16.53 -16.17 -3.69
C SER D 87 -15.57 -16.72 -2.65
N VAL D 88 -14.29 -16.49 -2.87
CA VAL D 88 -13.25 -16.61 -1.83
C VAL D 88 -12.80 -15.20 -1.46
N TYR D 89 -12.83 -14.91 -0.17
CA TYR D 89 -12.51 -13.57 0.40
C TYR D 89 -11.16 -13.68 1.09
N PHE D 90 -10.27 -12.74 0.82
CA PHE D 90 -8.96 -12.65 1.49
C PHE D 90 -8.88 -11.31 2.16
N CYS D 91 -8.71 -11.34 3.47
CA CYS D 91 -8.23 -10.22 4.29
C CYS D 91 -6.72 -10.10 4.11
N ALA D 92 -6.18 -8.90 4.15
CA ALA D 92 -4.72 -8.70 4.12
C ALA D 92 -4.34 -7.46 4.94
N SER D 93 -3.10 -7.40 5.43
CA SER D 93 -2.50 -6.19 6.05
C SER D 93 -1.16 -5.88 5.38
N SER D 94 -0.74 -4.63 5.47
CA SER D 94 0.61 -4.17 5.05
C SER D 94 1.05 -3.05 6.00
N ASN D 95 2.33 -2.98 6.30
CA ASN D 95 2.89 -1.92 7.16
C ASN D 95 2.49 -0.54 6.61
N ARG D 96 2.87 -0.25 5.36
CA ARG D 96 2.54 1.00 4.64
C ARG D 96 1.86 0.65 3.31
N GLU D 97 1.43 1.71 2.62
CA GLU D 97 0.78 1.70 1.28
C GLU D 97 1.67 1.06 0.20
N TYR D 98 2.99 0.93 0.39
CA TYR D 98 3.94 0.43 -0.64
C TYR D 98 4.62 -0.85 -0.13
N SER D 99 4.24 -1.35 1.05
CA SER D 99 4.96 -2.53 1.60
C SER D 99 4.20 -3.81 1.25
N PRO D 100 4.83 -5.00 1.36
CA PRO D 100 4.17 -6.24 0.98
C PRO D 100 2.91 -6.58 1.80
N LEU D 101 2.00 -7.29 1.16
CA LEU D 101 0.73 -7.72 1.79
C LEU D 101 0.93 -9.06 2.48
N HIS D 102 0.41 -9.16 3.69
CA HIS D 102 0.21 -10.41 4.46
C HIS D 102 -1.26 -10.76 4.37
N PHE D 103 -1.55 -11.99 3.99
CA PHE D 103 -2.92 -12.45 3.69
C PHE D 103 -3.36 -13.38 4.82
N GLY D 104 -4.64 -13.35 5.15
CA GLY D 104 -5.31 -14.38 5.94
C GLY D 104 -5.55 -15.59 5.06
N ASN D 105 -5.98 -16.71 5.66
CA ASN D 105 -6.08 -18.00 4.95
C ASN D 105 -7.39 -18.10 4.17
N GLY D 106 -8.19 -17.04 4.08
CA GLY D 106 -9.34 -17.00 3.15
C GLY D 106 -10.63 -17.48 3.80
N THR D 107 -11.75 -16.99 3.28
CA THR D 107 -13.13 -17.43 3.61
C THR D 107 -13.75 -17.85 2.28
N ARG D 108 -14.11 -19.12 2.17
CA ARG D 108 -14.91 -19.62 1.03
C ARG D 108 -16.39 -19.51 1.44
N LEU D 109 -17.13 -18.64 0.76
CA LEU D 109 -18.53 -18.27 1.07
C LEU D 109 -19.42 -18.71 -0.09
N THR D 110 -20.49 -19.44 0.20
CA THR D 110 -21.54 -19.77 -0.80
C THR D 110 -22.85 -19.17 -0.31
N VAL D 111 -23.57 -18.48 -1.19
CA VAL D 111 -24.95 -17.99 -0.92
C VAL D 111 -25.92 -18.80 -1.79
N THR D 112 -26.85 -19.53 -1.15
CA THR D 112 -27.91 -20.33 -1.80
C THR D 112 -29.28 -19.70 -1.48
N GLU D 113 -30.24 -19.87 -2.39
CA GLU D 113 -31.66 -19.45 -2.20
C GLU D 113 -32.28 -20.19 -1.01
N ASP D 114 -31.81 -21.41 -0.73
CA ASP D 114 -32.54 -22.40 0.10
C ASP D 114 -31.52 -23.29 0.84
N LEU D 115 -31.47 -23.19 2.16
CA LEU D 115 -30.53 -23.97 2.99
C LEU D 115 -30.95 -25.44 3.05
N ASN D 116 -32.13 -25.79 2.55
CA ASN D 116 -32.55 -27.22 2.42
C ASN D 116 -31.81 -27.89 1.25
N LYS D 117 -30.96 -27.17 0.51
CA LYS D 117 -30.04 -27.71 -0.54
C LYS D 117 -28.69 -28.13 0.06
N VAL D 118 -28.48 -27.87 1.35
CA VAL D 118 -27.21 -28.20 2.03
C VAL D 118 -27.22 -29.68 2.39
N PHE D 119 -26.18 -30.41 1.99
CA PHE D 119 -26.04 -31.86 2.23
C PHE D 119 -24.60 -32.19 2.57
N PRO D 120 -24.35 -32.98 3.62
CA PRO D 120 -23.00 -33.38 3.98
C PRO D 120 -22.60 -34.48 3.02
N PRO D 121 -21.30 -34.87 2.95
CA PRO D 121 -20.89 -35.93 2.05
C PRO D 121 -21.19 -37.34 2.55
N GLU D 122 -21.39 -38.25 1.61
CA GLU D 122 -21.13 -39.70 1.83
C GLU D 122 -19.68 -39.96 1.41
N VAL D 123 -18.96 -40.72 2.21
CA VAL D 123 -17.53 -41.05 1.99
C VAL D 123 -17.40 -42.57 1.89
N ALA D 124 -16.71 -43.09 0.89
CA ALA D 124 -16.37 -44.53 0.80
C ALA D 124 -14.87 -44.68 0.49
N VAL D 125 -14.25 -45.74 1.01
CA VAL D 125 -12.85 -46.16 0.68
C VAL D 125 -12.92 -47.38 -0.24
N PHE D 126 -12.25 -47.30 -1.38
CA PHE D 126 -12.12 -48.43 -2.33
C PHE D 126 -10.72 -49.02 -2.16
N GLU D 127 -10.65 -50.32 -1.82
CA GLU D 127 -9.38 -51.03 -1.54
C GLU D 127 -8.63 -51.32 -2.85
N PRO D 128 -7.30 -51.43 -2.79
CA PRO D 128 -6.48 -51.53 -4.00
C PRO D 128 -6.73 -52.79 -4.84
N SER D 129 -6.56 -52.67 -6.16
CA SER D 129 -6.71 -53.76 -7.16
C SER D 129 -5.56 -54.78 -7.01
N GLU D 130 -5.90 -56.06 -6.90
CA GLU D 130 -4.94 -57.21 -6.83
C GLU D 130 -4.02 -57.17 -8.06
N ALA D 131 -4.59 -56.87 -9.23
CA ALA D 131 -3.86 -56.69 -10.52
C ALA D 131 -2.78 -55.61 -10.39
N GLU D 132 -3.09 -54.48 -9.73
CA GLU D 132 -2.14 -53.34 -9.56
C GLU D 132 -1.00 -53.86 -8.67
N ILE D 133 -1.33 -54.53 -7.56
CA ILE D 133 -0.36 -55.00 -6.55
C ILE D 133 0.61 -55.97 -7.25
N SER D 134 0.10 -56.92 -8.03
CA SER D 134 0.96 -57.96 -8.65
C SER D 134 1.72 -57.37 -9.86
N HIS D 135 1.26 -56.29 -10.50
CA HIS D 135 1.97 -55.73 -11.70
C HIS D 135 3.03 -54.71 -11.28
N THR D 136 2.77 -53.89 -10.25
CA THR D 136 3.54 -52.68 -9.85
C THR D 136 4.17 -52.83 -8.45
N GLN D 137 3.72 -53.80 -7.65
CA GLN D 137 4.12 -53.95 -6.22
C GLN D 137 3.84 -52.64 -5.48
N LYS D 138 2.77 -51.96 -5.88
CA LYS D 138 2.22 -50.77 -5.18
C LYS D 138 0.69 -50.94 -5.10
N ALA D 139 0.08 -50.15 -4.22
CA ALA D 139 -1.33 -50.30 -3.81
C ALA D 139 -1.96 -48.92 -3.70
N THR D 140 -2.87 -48.62 -4.61
CA THR D 140 -3.61 -47.33 -4.59
C THR D 140 -4.96 -47.56 -3.93
N LEU D 141 -5.18 -46.90 -2.78
CA LEU D 141 -6.53 -46.68 -2.20
C LEU D 141 -7.15 -45.47 -2.89
N VAL D 142 -8.46 -45.53 -3.12
CA VAL D 142 -9.23 -44.36 -3.59
C VAL D 142 -10.31 -44.06 -2.55
N CYS D 143 -10.39 -42.80 -2.18
CA CYS D 143 -11.51 -42.25 -1.40
C CYS D 143 -12.45 -41.45 -2.32
N LEU D 144 -13.77 -41.66 -2.19
CA LEU D 144 -14.80 -40.86 -2.89
C LEU D 144 -15.72 -40.21 -1.86
N ALA D 145 -15.90 -38.90 -1.99
CA ALA D 145 -16.89 -38.11 -1.24
C ALA D 145 -17.93 -37.60 -2.24
N THR D 146 -19.20 -37.97 -2.03
CA THR D 146 -20.30 -37.71 -2.99
C THR D 146 -21.44 -36.97 -2.29
N GLY D 147 -22.20 -36.20 -3.06
CA GLY D 147 -23.54 -35.70 -2.72
C GLY D 147 -23.51 -34.52 -1.76
N PHE D 148 -22.41 -33.76 -1.75
CA PHE D 148 -22.27 -32.66 -0.77
C PHE D 148 -22.50 -31.28 -1.39
N TYR D 149 -23.07 -30.39 -0.60
CA TYR D 149 -23.31 -28.97 -1.00
C TYR D 149 -23.37 -28.11 0.25
N PRO D 150 -22.70 -26.94 0.30
CA PRO D 150 -21.86 -26.45 -0.81
C PRO D 150 -20.53 -27.21 -0.86
N ASP D 151 -19.65 -26.83 -1.80
CA ASP D 151 -18.31 -27.47 -1.95
C ASP D 151 -17.35 -26.94 -0.89
N HIS D 152 -17.67 -27.18 0.38
CA HIS D 152 -16.84 -26.69 1.52
C HIS D 152 -16.36 -27.91 2.34
N VAL D 153 -15.29 -28.55 1.84
CA VAL D 153 -14.75 -29.80 2.40
C VAL D 153 -13.22 -29.71 2.47
N GLU D 154 -12.66 -30.28 3.54
CA GLU D 154 -11.22 -30.63 3.69
C GLU D 154 -11.12 -32.15 3.79
N LEU D 155 -10.53 -32.78 2.76
CA LEU D 155 -10.22 -34.23 2.71
C LEU D 155 -8.80 -34.47 3.23
N SER D 156 -8.66 -35.39 4.16
CA SER D 156 -7.35 -35.81 4.72
C SER D 156 -7.28 -37.34 4.82
N TRP D 157 -6.07 -37.89 4.79
CA TRP D 157 -5.77 -39.35 4.95
C TRP D 157 -5.03 -39.60 6.27
N TRP D 158 -5.52 -40.57 7.04
CA TRP D 158 -5.04 -40.96 8.39
C TRP D 158 -4.57 -42.42 8.36
N VAL D 159 -3.27 -42.63 8.55
CA VAL D 159 -2.67 -43.98 8.55
C VAL D 159 -2.23 -44.23 9.98
N ASN D 160 -2.85 -45.21 10.65
CA ASN D 160 -2.54 -45.59 12.05
C ASN D 160 -2.65 -44.33 12.92
N GLY D 161 -3.73 -43.56 12.73
CA GLY D 161 -4.17 -42.45 13.60
C GLY D 161 -3.36 -41.17 13.40
N LYS D 162 -2.52 -41.11 12.37
CA LYS D 162 -1.73 -39.89 12.04
C LYS D 162 -1.89 -39.53 10.57
N GLU D 163 -1.99 -38.23 10.30
CA GLU D 163 -2.24 -37.67 8.95
C GLU D 163 -0.97 -37.85 8.12
N VAL D 164 -1.12 -38.14 6.84
CA VAL D 164 -0.01 -38.39 5.89
C VAL D 164 -0.22 -37.46 4.69
N HIS D 165 0.86 -36.93 4.12
CA HIS D 165 0.83 -36.15 2.86
C HIS D 165 1.53 -36.97 1.77
N SER D 166 2.50 -37.81 2.13
CA SER D 166 3.23 -38.66 1.17
C SER D 166 2.27 -39.69 0.55
N GLY D 167 2.20 -39.74 -0.77
CA GLY D 167 1.44 -40.76 -1.52
C GLY D 167 0.01 -40.32 -1.80
N VAL D 168 -0.34 -39.10 -1.39
CA VAL D 168 -1.72 -38.55 -1.50
C VAL D 168 -1.80 -37.63 -2.71
N CYS D 169 -2.80 -37.84 -3.57
CA CYS D 169 -3.30 -36.80 -4.50
C CYS D 169 -4.81 -36.66 -4.29
N THR D 170 -5.29 -35.43 -4.14
CA THR D 170 -6.73 -35.07 -4.03
C THR D 170 -7.09 -34.14 -5.20
N ASP D 171 -8.12 -34.45 -5.98
CA ASP D 171 -8.69 -33.51 -6.98
C ASP D 171 -8.68 -32.11 -6.42
N PRO D 172 -8.09 -31.12 -7.13
CA PRO D 172 -7.90 -29.77 -6.59
C PRO D 172 -9.21 -28.98 -6.49
N GLN D 173 -10.21 -29.37 -7.30
CA GLN D 173 -11.55 -28.75 -7.23
C GLN D 173 -12.58 -29.88 -7.34
N PRO D 174 -13.61 -29.92 -6.48
CA PRO D 174 -14.67 -30.92 -6.57
C PRO D 174 -15.34 -31.03 -7.95
N LEU D 175 -16.14 -32.08 -8.16
CA LEU D 175 -16.85 -32.29 -9.45
C LEU D 175 -18.35 -32.06 -9.22
N LYS D 176 -19.07 -31.66 -10.27
CA LYS D 176 -20.54 -31.46 -10.17
C LYS D 176 -21.24 -32.73 -10.63
N GLU D 177 -22.08 -33.31 -9.77
CA GLU D 177 -22.79 -34.57 -10.10
C GLU D 177 -23.80 -34.28 -11.21
N GLN D 178 -24.13 -33.00 -11.40
CA GLN D 178 -25.09 -32.51 -12.42
C GLN D 178 -24.67 -31.11 -12.90
N PRO D 179 -23.77 -30.98 -13.90
CA PRO D 179 -23.25 -29.66 -14.28
C PRO D 179 -24.33 -28.73 -14.88
N ALA D 180 -25.54 -29.26 -15.13
CA ALA D 180 -26.74 -28.53 -15.61
C ALA D 180 -27.23 -27.54 -14.53
N LEU D 181 -27.30 -27.96 -13.27
CA LEU D 181 -27.80 -27.17 -12.11
C LEU D 181 -26.63 -26.37 -11.51
N ASN D 182 -26.90 -25.31 -10.74
CA ASN D 182 -25.88 -24.49 -10.04
C ASN D 182 -25.86 -24.88 -8.55
N ASP D 183 -27.06 -25.12 -8.01
CA ASP D 183 -27.32 -25.77 -6.69
C ASP D 183 -26.78 -27.21 -6.68
N SER D 184 -26.19 -27.68 -7.80
CA SER D 184 -25.66 -29.06 -8.01
C SER D 184 -24.82 -29.54 -6.83
N ARG D 185 -25.05 -30.77 -6.40
CA ARG D 185 -24.23 -31.44 -5.35
C ARG D 185 -22.87 -31.83 -5.96
N TYR D 186 -21.89 -31.99 -5.09
CA TYR D 186 -20.51 -32.20 -5.59
C TYR D 186 -19.93 -33.53 -5.17
N ALA D 187 -18.85 -33.94 -5.84
CA ALA D 187 -18.15 -35.18 -5.49
C ALA D 187 -16.65 -34.89 -5.50
N LEU D 188 -15.89 -35.52 -4.62
CA LEU D 188 -14.42 -35.32 -4.60
C LEU D 188 -13.70 -36.66 -4.45
N SER D 189 -12.64 -36.84 -5.23
CA SER D 189 -11.81 -38.07 -5.14
C SER D 189 -10.42 -37.72 -4.60
N SER D 190 -9.82 -38.68 -3.94
CA SER D 190 -8.40 -38.67 -3.51
C SER D 190 -7.83 -40.08 -3.70
N ARG D 191 -6.51 -40.19 -3.87
CA ARG D 191 -5.79 -41.48 -3.83
C ARG D 191 -4.74 -41.41 -2.73
N LEU D 192 -4.53 -42.52 -2.06
CA LEU D 192 -3.35 -42.75 -1.19
C LEU D 192 -2.65 -43.99 -1.73
N ARG D 193 -1.40 -43.84 -2.18
CA ARG D 193 -0.61 -44.95 -2.76
C ARG D 193 0.48 -45.34 -1.77
N VAL D 194 0.61 -46.64 -1.54
CA VAL D 194 1.63 -47.19 -0.60
C VAL D 194 2.23 -48.44 -1.25
N SER D 195 3.29 -48.96 -0.62
CA SER D 195 3.95 -50.20 -1.10
C SER D 195 2.94 -51.35 -0.92
N ALA D 196 3.01 -52.37 -1.78
CA ALA D 196 2.18 -53.59 -1.62
C ALA D 196 2.41 -54.18 -0.23
N THR D 197 3.65 -54.16 0.28
CA THR D 197 4.03 -54.79 1.58
C THR D 197 3.29 -54.03 2.69
N PHE D 198 3.11 -52.72 2.53
CA PHE D 198 2.44 -51.86 3.53
C PHE D 198 0.93 -52.17 3.57
N TRP D 199 0.31 -52.25 2.38
CA TRP D 199 -1.11 -52.64 2.20
C TRP D 199 -1.30 -54.04 2.79
N GLN D 200 -0.36 -54.95 2.54
CA GLN D 200 -0.49 -56.39 2.93
C GLN D 200 -0.20 -56.58 4.43
N ASP D 201 0.13 -55.51 5.15
CA ASP D 201 0.44 -55.60 6.60
C ASP D 201 -0.87 -55.40 7.35
N PRO D 202 -1.37 -56.43 8.08
CA PRO D 202 -2.71 -56.35 8.67
C PRO D 202 -2.81 -55.38 9.85
N ARG D 203 -1.69 -54.76 10.25
CA ARG D 203 -1.59 -53.82 11.39
C ARG D 203 -1.87 -52.38 10.93
N ASN D 204 -1.85 -52.13 9.63
CA ASN D 204 -2.00 -50.76 9.10
C ASN D 204 -3.50 -50.45 8.95
N HIS D 205 -3.91 -49.34 9.56
CA HIS D 205 -5.29 -48.80 9.48
C HIS D 205 -5.29 -47.57 8.55
N PHE D 206 -6.15 -47.56 7.54
CA PHE D 206 -6.38 -46.45 6.60
C PHE D 206 -7.75 -45.84 6.84
N ARG D 207 -7.79 -44.51 6.96
CA ARG D 207 -9.01 -43.69 7.14
C ARG D 207 -8.95 -42.47 6.19
N CYS D 208 -9.89 -42.44 5.27
CA CYS D 208 -10.25 -41.23 4.53
C CYS D 208 -11.22 -40.40 5.39
N GLN D 209 -10.82 -39.18 5.74
CA GLN D 209 -11.61 -38.23 6.57
C GLN D 209 -12.02 -36.99 5.73
N VAL D 210 -13.29 -36.62 5.76
CA VAL D 210 -13.81 -35.37 5.12
C VAL D 210 -14.49 -34.51 6.18
N GLN D 211 -13.85 -33.41 6.55
CA GLN D 211 -14.45 -32.31 7.33
C GLN D 211 -15.40 -31.54 6.42
N PHE D 212 -16.70 -31.53 6.74
CA PHE D 212 -17.72 -30.79 5.98
C PHE D 212 -18.11 -29.53 6.77
N TYR D 213 -18.31 -28.45 6.02
CA TYR D 213 -18.78 -27.14 6.55
C TYR D 213 -20.21 -26.89 6.04
N GLY D 214 -21.16 -26.85 6.99
CA GLY D 214 -22.58 -26.64 6.71
C GLY D 214 -23.23 -25.77 7.78
N LEU D 215 -24.38 -26.22 8.27
CA LEU D 215 -25.24 -25.43 9.19
C LEU D 215 -24.64 -25.47 10.59
N SER D 216 -24.97 -24.46 11.41
CA SER D 216 -24.64 -24.33 12.86
C SER D 216 -25.76 -24.98 13.68
N GLU D 217 -25.50 -25.33 14.93
CA GLU D 217 -26.47 -26.11 15.76
C GLU D 217 -27.66 -25.20 16.13
N ASN D 218 -27.63 -23.91 15.80
CA ASN D 218 -28.74 -22.97 16.06
C ASN D 218 -29.27 -22.41 14.73
N ASP D 219 -29.11 -23.15 13.62
CA ASP D 219 -29.91 -22.96 12.37
C ASP D 219 -31.19 -23.78 12.59
N GLU D 220 -32.35 -23.28 12.18
CA GLU D 220 -33.65 -23.98 12.35
C GLU D 220 -33.73 -25.07 11.29
N TRP D 221 -34.42 -26.18 11.55
CA TRP D 221 -34.38 -27.35 10.63
C TRP D 221 -35.63 -28.21 10.76
N THR D 222 -36.40 -28.35 9.69
CA THR D 222 -37.70 -29.08 9.72
C THR D 222 -37.67 -30.26 8.75
N GLN D 223 -36.56 -30.59 8.08
CA GLN D 223 -36.56 -31.71 7.10
C GLN D 223 -36.51 -33.02 7.88
N ASP D 224 -36.82 -34.13 7.21
CA ASP D 224 -36.79 -35.47 7.84
C ASP D 224 -35.33 -35.83 8.11
N ARG D 225 -34.48 -35.67 7.09
CA ARG D 225 -33.04 -36.01 7.21
C ARG D 225 -32.47 -35.16 8.34
N ALA D 226 -31.38 -35.64 8.94
CA ALA D 226 -30.62 -34.93 9.99
C ALA D 226 -30.15 -33.58 9.44
N LYS D 227 -30.22 -32.57 10.29
CA LYS D 227 -29.66 -31.22 10.05
C LYS D 227 -28.25 -31.40 9.48
N PRO D 228 -27.93 -30.88 8.26
CA PRO D 228 -26.61 -31.04 7.66
C PRO D 228 -25.58 -30.10 8.28
N VAL D 229 -25.27 -30.34 9.55
CA VAL D 229 -24.36 -29.46 10.35
C VAL D 229 -22.93 -29.72 9.92
N THR D 230 -22.04 -28.77 10.19
CA THR D 230 -20.57 -28.98 10.17
C THR D 230 -20.26 -30.27 10.92
N GLN D 231 -19.46 -31.14 10.34
CA GLN D 231 -19.25 -32.53 10.81
C GLN D 231 -18.15 -33.21 10.01
N ILE D 232 -17.56 -34.27 10.54
CA ILE D 232 -16.59 -35.13 9.83
C ILE D 232 -17.32 -36.37 9.37
N VAL D 233 -17.17 -36.75 8.11
CA VAL D 233 -17.55 -38.11 7.62
C VAL D 233 -16.25 -38.85 7.21
N SER D 234 -16.12 -40.11 7.63
CA SER D 234 -14.93 -40.99 7.47
C SER D 234 -15.33 -42.32 6.84
N ALA D 235 -14.46 -42.93 6.04
CA ALA D 235 -14.48 -44.36 5.69
C ALA D 235 -13.08 -44.93 5.97
N GLU D 236 -13.00 -46.23 6.22
CA GLU D 236 -11.73 -46.85 6.68
C GLU D 236 -11.55 -48.21 6.01
N ALA D 237 -10.32 -48.72 6.06
CA ALA D 237 -9.96 -50.09 5.66
C ALA D 237 -8.71 -50.51 6.42
N TRP D 238 -8.59 -51.81 6.65
CA TRP D 238 -7.38 -52.43 7.25
C TRP D 238 -6.61 -53.11 6.12
N GLY D 239 -5.28 -53.06 6.17
CA GLY D 239 -4.44 -53.86 5.27
C GLY D 239 -4.71 -55.32 5.53
N ARG D 240 -4.38 -56.20 4.56
CA ARG D 240 -4.56 -57.68 4.69
C ARG D 240 -3.58 -58.42 3.77
N ALA D 241 -3.15 -59.61 4.16
CA ALA D 241 -2.13 -60.45 3.48
C ALA D 241 -2.76 -61.33 2.39
#